data_1BHI
#
_entry.id   1BHI
#
_cell.length_a   1.000
_cell.length_b   1.000
_cell.length_c   1.000
_cell.angle_alpha   90.00
_cell.angle_beta   90.00
_cell.angle_gamma   90.00
#
_symmetry.space_group_name_H-M   'P 1'
#
_entity_poly.entity_id   1
_entity_poly.type   'polypeptide(L)'
_entity_poly.pdbx_seq_one_letter_code
;MSDDKPFLCTAPGCGQRFTNEDHLAVHKHKHEMTLKFG
;
_entity_poly.pdbx_strand_id   A
#
# COMPACT_ATOMS: atom_id res chain seq x y z
N MET A 1 -19.11 2.80 3.95
CA MET A 1 -19.43 3.21 5.33
C MET A 1 -19.32 4.73 5.45
N SER A 2 -19.59 5.27 6.65
CA SER A 2 -19.49 6.70 6.89
C SER A 2 -18.03 7.13 6.78
N ASP A 3 -17.12 6.32 7.34
CA ASP A 3 -15.70 6.60 7.31
C ASP A 3 -14.99 5.46 6.55
N ASP A 4 -15.06 5.50 5.22
CA ASP A 4 -14.43 4.47 4.39
C ASP A 4 -12.92 4.48 4.61
N LYS A 5 -12.35 5.67 4.84
CA LYS A 5 -10.93 5.84 5.09
C LYS A 5 -10.10 5.26 3.93
N PRO A 6 -10.03 5.99 2.79
CA PRO A 6 -9.30 5.54 1.64
C PRO A 6 -7.81 5.37 1.99
N PHE A 7 -7.31 4.14 1.90
CA PHE A 7 -5.94 3.83 2.22
C PHE A 7 -5.04 4.11 1.02
N LEU A 8 -4.43 5.31 0.99
CA LEU A 8 -3.55 5.70 -0.10
C LEU A 8 -2.14 5.23 0.17
N CYS A 9 -1.63 4.31 -0.66
CA CYS A 9 -0.29 3.76 -0.52
C CYS A 9 0.75 4.86 -0.76
N THR A 10 1.79 4.88 0.08
CA THR A 10 2.88 5.83 -0.06
C THR A 10 4.01 5.18 -0.86
N ALA A 11 3.86 5.17 -2.20
CA ALA A 11 4.87 4.59 -3.08
C ALA A 11 5.02 5.49 -4.31
N PRO A 12 6.25 5.68 -4.81
CA PRO A 12 6.53 6.55 -5.93
C PRO A 12 5.92 5.99 -7.21
N GLY A 13 5.08 6.78 -7.88
CA GLY A 13 4.48 6.39 -9.14
C GLY A 13 3.35 5.37 -8.96
N CYS A 14 3.49 4.44 -8.00
CA CYS A 14 2.49 3.41 -7.79
C CYS A 14 1.28 3.99 -7.06
N GLY A 15 1.50 4.43 -5.82
CA GLY A 15 0.47 5.04 -4.97
C GLY A 15 -0.94 4.50 -5.26
N GLN A 16 -1.14 3.19 -5.08
CA GLN A 16 -2.44 2.58 -5.30
C GLN A 16 -3.34 2.84 -4.09
N ARG A 17 -4.63 2.50 -4.23
CA ARG A 17 -5.62 2.70 -3.18
C ARG A 17 -6.35 1.39 -2.91
N PHE A 18 -6.73 1.16 -1.65
CA PHE A 18 -7.43 -0.06 -1.27
C PHE A 18 -8.54 0.28 -0.28
N THR A 19 -9.44 -0.70 -0.07
CA THR A 19 -10.57 -0.53 0.82
C THR A 19 -10.17 -0.78 2.27
N ASN A 20 -9.12 -1.60 2.50
CA ASN A 20 -8.66 -1.92 3.84
C ASN A 20 -7.16 -1.72 3.93
N GLU A 21 -6.65 -1.67 5.16
CA GLU A 21 -5.23 -1.55 5.41
C GLU A 21 -4.55 -2.89 5.14
N ASP A 22 -5.31 -4.00 5.17
CA ASP A 22 -4.78 -5.32 4.95
C ASP A 22 -4.09 -5.40 3.59
N HIS A 23 -4.80 -4.94 2.56
CA HIS A 23 -4.30 -4.98 1.20
C HIS A 23 -3.14 -3.99 1.06
N LEU A 24 -3.21 -2.88 1.79
CA LEU A 24 -2.17 -1.88 1.76
C LEU A 24 -0.89 -2.44 2.41
N ALA A 25 -1.06 -3.26 3.44
CA ALA A 25 0.05 -3.83 4.17
C ALA A 25 0.89 -4.70 3.24
N VAL A 26 0.29 -5.72 2.63
CA VAL A 26 1.01 -6.61 1.73
C VAL A 26 1.59 -5.83 0.55
N HIS A 27 0.85 -4.83 0.07
CA HIS A 27 1.25 -4.01 -1.06
C HIS A 27 2.51 -3.22 -0.71
N LYS A 28 2.51 -2.57 0.45
CA LYS A 28 3.65 -1.78 0.90
C LYS A 28 4.82 -2.68 1.27
N HIS A 29 4.53 -3.83 1.89
CA HIS A 29 5.55 -4.75 2.33
C HIS A 29 6.48 -5.12 1.18
N LYS A 30 5.94 -5.47 0.01
CA LYS A 30 6.76 -5.86 -1.12
C LYS A 30 7.51 -4.66 -1.71
N HIS A 31 6.90 -3.46 -1.69
CA HIS A 31 7.55 -2.26 -2.22
C HIS A 31 8.77 -1.93 -1.37
N GLU A 32 8.57 -1.88 -0.06
CA GLU A 32 9.62 -1.54 0.88
C GLU A 32 10.68 -2.64 0.90
N MET A 33 10.24 -3.89 1.11
CA MET A 33 11.15 -5.03 1.14
C MET A 33 11.39 -5.53 -0.29
N THR A 34 11.96 -4.67 -1.12
CA THR A 34 12.26 -5.02 -2.51
C THR A 34 13.28 -6.17 -2.54
N LEU A 35 13.97 -6.41 -1.41
CA LEU A 35 14.96 -7.47 -1.31
C LEU A 35 14.28 -8.85 -1.29
N LYS A 36 12.94 -8.88 -1.13
CA LYS A 36 12.19 -10.13 -1.10
C LYS A 36 12.44 -10.90 -2.39
N PHE A 37 12.59 -12.23 -2.28
CA PHE A 37 12.85 -13.10 -3.41
C PHE A 37 14.18 -12.72 -4.07
N GLY A 38 15.23 -12.57 -3.24
CA GLY A 38 16.55 -12.21 -3.72
C GLY A 38 17.55 -12.26 -2.56
N MET A 1 -13.06 7.96 6.59
CA MET A 1 -14.12 8.25 5.59
C MET A 1 -14.14 7.15 4.53
N SER A 2 -15.23 7.10 3.75
CA SER A 2 -15.39 6.10 2.70
C SER A 2 -15.26 4.71 3.30
N ASP A 3 -14.37 3.86 2.73
CA ASP A 3 -14.14 2.53 3.23
C ASP A 3 -13.30 2.60 4.51
N ASP A 4 -13.94 2.98 5.62
CA ASP A 4 -13.29 3.14 6.92
C ASP A 4 -12.27 4.29 6.87
N LYS A 5 -11.11 4.04 6.26
CA LYS A 5 -10.06 5.04 6.13
C LYS A 5 -9.50 4.98 4.70
N PRO A 6 -9.09 6.12 4.11
CA PRO A 6 -8.51 6.14 2.80
C PRO A 6 -7.14 5.46 2.82
N PHE A 7 -7.06 4.23 2.26
CA PHE A 7 -5.83 3.48 2.26
C PHE A 7 -5.03 3.78 1.00
N LEU A 8 -4.48 5.00 0.93
CA LEU A 8 -3.68 5.43 -0.20
C LEU A 8 -2.21 5.14 0.09
N CYS A 9 -1.60 4.24 -0.69
CA CYS A 9 -0.21 3.87 -0.48
C CYS A 9 0.72 5.03 -0.82
N THR A 10 1.62 5.36 0.11
CA THR A 10 2.61 6.39 -0.10
C THR A 10 3.88 5.75 -0.69
N ALA A 11 4.16 6.05 -1.97
CA ALA A 11 5.33 5.50 -2.65
C ALA A 11 5.67 6.42 -3.84
N PRO A 12 6.93 6.37 -4.32
CA PRO A 12 7.37 7.21 -5.42
C PRO A 12 6.67 6.83 -6.72
N GLY A 13 7.07 5.70 -7.32
CA GLY A 13 6.51 5.26 -8.59
C GLY A 13 5.28 4.37 -8.38
N CYS A 14 4.53 4.62 -7.30
CA CYS A 14 3.33 3.85 -7.02
C CYS A 14 2.43 4.60 -6.05
N GLY A 15 1.11 4.56 -6.27
CA GLY A 15 0.16 5.23 -5.40
C GLY A 15 -1.20 4.58 -5.52
N GLN A 16 -1.26 3.25 -5.30
CA GLN A 16 -2.50 2.51 -5.39
C GLN A 16 -3.35 2.74 -4.14
N ARG A 17 -4.64 2.48 -4.26
CA ARG A 17 -5.61 2.67 -3.18
C ARG A 17 -6.35 1.37 -2.96
N PHE A 18 -6.79 1.13 -1.74
CA PHE A 18 -7.49 -0.09 -1.39
C PHE A 18 -8.64 0.21 -0.46
N THR A 19 -9.48 -0.81 -0.22
CA THR A 19 -10.62 -0.71 0.68
C THR A 19 -10.27 -1.32 2.04
N ASN A 20 -8.99 -1.74 2.22
CA ASN A 20 -8.53 -2.36 3.46
C ASN A 20 -7.05 -2.07 3.67
N GLU A 21 -6.67 -1.70 4.90
CA GLU A 21 -5.28 -1.48 5.23
C GLU A 21 -4.51 -2.80 5.12
N ASP A 22 -5.23 -3.92 5.21
CA ASP A 22 -4.66 -5.24 5.06
C ASP A 22 -3.99 -5.35 3.69
N HIS A 23 -4.70 -4.90 2.65
CA HIS A 23 -4.19 -4.94 1.29
C HIS A 23 -3.04 -3.94 1.16
N LEU A 24 -3.13 -2.83 1.88
CA LEU A 24 -2.09 -1.82 1.87
C LEU A 24 -0.82 -2.38 2.52
N ALA A 25 -1.00 -3.27 3.51
CA ALA A 25 0.13 -3.87 4.23
C ALA A 25 0.97 -4.70 3.27
N VAL A 26 0.36 -5.70 2.62
CA VAL A 26 1.08 -6.58 1.69
C VAL A 26 1.65 -5.75 0.54
N HIS A 27 0.87 -4.78 0.05
CA HIS A 27 1.28 -3.92 -1.04
C HIS A 27 2.52 -3.11 -0.65
N LYS A 28 2.47 -2.46 0.52
CA LYS A 28 3.55 -1.64 1.00
C LYS A 28 4.77 -2.52 1.30
N HIS A 29 4.54 -3.71 1.85
CA HIS A 29 5.62 -4.63 2.17
C HIS A 29 6.35 -5.05 0.89
N LYS A 30 5.62 -5.14 -0.22
CA LYS A 30 6.23 -5.49 -1.51
C LYS A 30 7.20 -4.39 -1.93
N HIS A 31 6.83 -3.13 -1.67
CA HIS A 31 7.70 -1.99 -1.98
C HIS A 31 8.90 -2.00 -1.04
N GLU A 32 8.63 -2.26 0.25
CA GLU A 32 9.67 -2.33 1.28
C GLU A 32 10.69 -3.39 0.88
N MET A 33 10.20 -4.55 0.43
CA MET A 33 11.05 -5.65 0.04
C MET A 33 11.86 -5.26 -1.20
N THR A 34 13.12 -5.74 -1.27
CA THR A 34 14.00 -5.43 -2.37
C THR A 34 13.60 -6.27 -3.59
N LEU A 35 12.54 -5.82 -4.28
CA LEU A 35 12.01 -6.46 -5.49
C LEU A 35 11.38 -7.80 -5.13
N LYS A 36 10.21 -8.08 -5.72
CA LYS A 36 9.48 -9.31 -5.46
C LYS A 36 8.75 -9.73 -6.73
N PHE A 37 8.90 -10.99 -7.13
CA PHE A 37 8.24 -11.53 -8.32
C PHE A 37 6.78 -11.89 -7.98
N GLY A 38 6.05 -10.93 -7.40
CA GLY A 38 4.66 -11.13 -7.01
C GLY A 38 4.39 -10.34 -5.74
N MET A 1 -6.43 7.49 5.54
CA MET A 1 -6.15 6.10 5.93
C MET A 1 -7.30 5.57 6.80
N SER A 2 -7.04 5.37 8.10
CA SER A 2 -8.08 4.93 9.03
C SER A 2 -9.20 5.97 9.00
N ASP A 3 -8.80 7.24 8.92
CA ASP A 3 -9.72 8.35 8.83
C ASP A 3 -9.18 9.31 7.76
N ASP A 4 -10.06 10.17 7.22
CA ASP A 4 -9.71 11.14 6.18
C ASP A 4 -9.09 10.44 4.97
N LYS A 5 -9.91 10.18 3.94
CA LYS A 5 -9.48 9.56 2.68
C LYS A 5 -9.11 8.08 2.92
N PRO A 6 -9.22 7.22 1.87
CA PRO A 6 -8.89 5.81 1.98
C PRO A 6 -7.38 5.61 2.25
N PHE A 7 -6.93 4.36 2.18
CA PHE A 7 -5.53 4.04 2.42
C PHE A 7 -4.72 4.15 1.13
N LEU A 8 -3.87 5.18 1.05
CA LEU A 8 -3.00 5.40 -0.10
C LEU A 8 -1.63 4.78 0.19
N CYS A 9 -1.16 3.90 -0.71
CA CYS A 9 0.10 3.18 -0.51
C CYS A 9 1.30 4.12 -0.46
N THR A 10 1.29 5.19 -1.27
CA THR A 10 2.40 6.14 -1.35
C THR A 10 3.74 5.39 -1.38
N ALA A 11 3.99 4.67 -2.49
CA ALA A 11 5.23 3.91 -2.66
C ALA A 11 6.17 4.73 -3.55
N PRO A 12 7.43 4.27 -3.72
CA PRO A 12 8.41 4.98 -4.53
C PRO A 12 7.90 5.19 -5.95
N GLY A 13 7.50 4.09 -6.62
CA GLY A 13 6.99 4.17 -7.99
C GLY A 13 5.50 3.84 -8.03
N CYS A 14 5.04 3.00 -7.10
CA CYS A 14 3.63 2.59 -7.05
C CYS A 14 2.85 3.50 -6.11
N GLY A 15 1.53 3.61 -6.32
CA GLY A 15 0.69 4.45 -5.48
C GLY A 15 -0.77 4.01 -5.56
N GLN A 16 -1.02 2.71 -5.33
CA GLN A 16 -2.38 2.17 -5.38
C GLN A 16 -3.12 2.53 -4.10
N ARG A 17 -4.45 2.34 -4.12
CA ARG A 17 -5.32 2.65 -2.99
C ARG A 17 -6.19 1.44 -2.69
N PHE A 18 -6.51 1.25 -1.41
CA PHE A 18 -7.33 0.12 -0.99
C PHE A 18 -8.30 0.57 0.09
N THR A 19 -9.43 -0.11 0.19
CA THR A 19 -10.45 0.18 1.20
C THR A 19 -10.02 -0.44 2.52
N ASN A 20 -9.22 -1.52 2.45
CA ASN A 20 -8.73 -2.23 3.61
C ASN A 20 -7.24 -2.02 3.74
N GLU A 21 -6.77 -1.69 4.95
CA GLU A 21 -5.36 -1.51 5.20
C GLU A 21 -4.64 -2.85 5.05
N ASP A 22 -5.39 -3.95 5.19
CA ASP A 22 -4.84 -5.30 5.05
C ASP A 22 -4.17 -5.44 3.68
N HIS A 23 -4.91 -5.10 2.62
CA HIS A 23 -4.40 -5.21 1.26
C HIS A 23 -3.25 -4.22 1.06
N LEU A 24 -3.37 -3.04 1.65
CA LEU A 24 -2.34 -2.02 1.55
C LEU A 24 -1.06 -2.51 2.22
N ALA A 25 -1.20 -3.27 3.31
CA ALA A 25 -0.05 -3.77 4.06
C ALA A 25 0.81 -4.69 3.18
N VAL A 26 0.20 -5.75 2.61
CA VAL A 26 0.94 -6.69 1.78
C VAL A 26 1.52 -5.98 0.55
N HIS A 27 0.73 -5.09 -0.05
CA HIS A 27 1.13 -4.35 -1.23
C HIS A 27 2.34 -3.47 -0.91
N LYS A 28 2.20 -2.68 0.14
CA LYS A 28 3.21 -1.73 0.57
C LYS A 28 4.46 -2.47 1.04
N HIS A 29 4.27 -3.59 1.76
CA HIS A 29 5.37 -4.38 2.29
C HIS A 29 6.37 -4.70 1.17
N LYS A 30 5.87 -5.26 0.06
CA LYS A 30 6.74 -5.64 -1.05
C LYS A 30 7.45 -4.42 -1.65
N HIS A 31 6.80 -3.25 -1.64
CA HIS A 31 7.38 -2.03 -2.19
C HIS A 31 8.50 -1.52 -1.29
N GLU A 32 8.21 -1.32 -0.01
CA GLU A 32 9.18 -0.81 0.94
C GLU A 32 10.41 -1.73 0.99
N MET A 33 10.20 -3.05 0.90
CA MET A 33 11.29 -4.01 0.95
C MET A 33 12.04 -4.05 -0.38
N THR A 34 11.30 -4.34 -1.48
CA THR A 34 11.87 -4.43 -2.82
C THR A 34 13.19 -5.22 -2.80
N LEU A 35 13.08 -6.55 -2.61
CA LEU A 35 14.24 -7.44 -2.60
C LEU A 35 15.11 -7.11 -1.38
N LYS A 36 14.55 -7.34 -0.19
CA LYS A 36 15.25 -7.11 1.06
C LYS A 36 14.68 -8.05 2.12
N PHE A 37 13.35 -8.04 2.24
CA PHE A 37 12.64 -8.91 3.15
C PHE A 37 11.21 -9.10 2.63
N GLY A 38 11.03 -8.97 1.31
CA GLY A 38 9.75 -9.09 0.67
C GLY A 38 9.83 -8.54 -0.76
N MET A 1 -16.12 6.28 -2.95
CA MET A 1 -17.55 5.90 -2.88
C MET A 1 -17.68 4.60 -2.09
N SER A 2 -17.43 3.46 -2.75
CA SER A 2 -17.49 2.16 -2.10
C SER A 2 -16.16 1.93 -1.37
N ASP A 3 -15.85 2.82 -0.43
CA ASP A 3 -14.61 2.77 0.31
C ASP A 3 -14.78 3.43 1.67
N ASP A 4 -15.11 2.63 2.69
CA ASP A 4 -15.29 3.12 4.04
C ASP A 4 -13.96 3.66 4.57
N LYS A 5 -12.86 2.96 4.27
CA LYS A 5 -11.53 3.35 4.70
C LYS A 5 -10.57 3.36 3.50
N PRO A 6 -10.51 4.47 2.74
CA PRO A 6 -9.63 4.58 1.59
C PRO A 6 -8.18 4.74 2.04
N PHE A 7 -7.36 3.70 1.81
CA PHE A 7 -5.94 3.75 2.17
C PHE A 7 -5.09 3.96 0.92
N LEU A 8 -4.59 5.18 0.72
CA LEU A 8 -3.78 5.51 -0.45
C LEU A 8 -2.31 5.34 -0.11
N CYS A 9 -1.64 4.36 -0.74
CA CYS A 9 -0.21 4.13 -0.52
C CYS A 9 0.60 5.29 -1.10
N THR A 10 0.93 6.28 -0.25
CA THR A 10 1.71 7.41 -0.67
C THR A 10 3.08 6.93 -1.15
N ALA A 11 3.41 7.22 -2.41
CA ALA A 11 4.68 6.83 -3.00
C ALA A 11 4.92 7.64 -4.27
N PRO A 12 6.17 7.72 -4.76
CA PRO A 12 6.51 8.47 -5.95
C PRO A 12 5.89 7.83 -7.19
N GLY A 13 6.51 6.72 -7.66
CA GLY A 13 6.03 6.02 -8.84
C GLY A 13 4.98 4.98 -8.46
N CYS A 14 4.12 5.31 -7.48
CA CYS A 14 3.07 4.41 -7.04
C CYS A 14 2.06 5.18 -6.20
N GLY A 15 0.77 4.89 -6.39
CA GLY A 15 -0.29 5.56 -5.65
C GLY A 15 -1.56 4.72 -5.65
N GLN A 16 -1.42 3.42 -5.38
CA GLN A 16 -2.55 2.52 -5.36
C GLN A 16 -3.32 2.69 -4.06
N ARG A 17 -4.64 2.51 -4.13
CA ARG A 17 -5.51 2.67 -2.98
C ARG A 17 -6.34 1.41 -2.79
N PHE A 18 -6.66 1.09 -1.53
CA PHE A 18 -7.42 -0.09 -1.19
C PHE A 18 -8.46 0.24 -0.13
N THR A 19 -9.47 -0.63 0.01
CA THR A 19 -10.55 -0.43 0.97
C THR A 19 -10.13 -0.92 2.35
N ASN A 20 -9.16 -1.85 2.41
CA ASN A 20 -8.70 -2.41 3.66
C ASN A 20 -7.22 -2.09 3.86
N GLU A 21 -6.81 -1.93 5.11
CA GLU A 21 -5.43 -1.66 5.44
C GLU A 21 -4.59 -2.92 5.20
N ASP A 22 -5.26 -4.09 5.17
CA ASP A 22 -4.59 -5.36 4.92
C ASP A 22 -3.94 -5.35 3.55
N HIS A 23 -4.69 -4.88 2.56
CA HIS A 23 -4.21 -4.84 1.20
C HIS A 23 -3.07 -3.83 1.08
N LEU A 24 -3.12 -2.78 1.90
CA LEU A 24 -2.08 -1.77 1.90
C LEU A 24 -0.82 -2.36 2.56
N ALA A 25 -1.01 -3.24 3.54
CA ALA A 25 0.10 -3.86 4.24
C ALA A 25 0.95 -4.69 3.27
N VAL A 26 0.33 -5.66 2.58
CA VAL A 26 1.05 -6.51 1.64
C VAL A 26 1.64 -5.66 0.51
N HIS A 27 0.88 -4.68 0.04
CA HIS A 27 1.31 -3.80 -1.04
C HIS A 27 2.55 -3.01 -0.61
N LYS A 28 2.52 -2.47 0.61
CA LYS A 28 3.64 -1.70 1.15
C LYS A 28 4.83 -2.62 1.40
N HIS A 29 4.57 -3.82 1.93
CA HIS A 29 5.63 -4.79 2.20
C HIS A 29 6.37 -5.10 0.91
N LYS A 30 5.62 -5.25 -0.20
CA LYS A 30 6.22 -5.54 -1.50
C LYS A 30 7.20 -4.43 -1.88
N HIS A 31 6.85 -3.16 -1.60
CA HIS A 31 7.73 -2.04 -1.90
C HIS A 31 8.98 -2.12 -1.04
N GLU A 32 8.79 -2.37 0.27
CA GLU A 32 9.91 -2.49 1.21
C GLU A 32 10.89 -3.55 0.69
N MET A 33 10.36 -4.68 0.21
CA MET A 33 11.18 -5.75 -0.32
C MET A 33 11.77 -5.33 -1.66
N THR A 34 12.98 -4.76 -1.62
CA THR A 34 13.66 -4.30 -2.83
C THR A 34 14.27 -5.50 -3.57
N LEU A 35 13.39 -6.38 -4.09
CA LEU A 35 13.80 -7.58 -4.81
C LEU A 35 14.44 -8.59 -3.85
N LYS A 36 14.15 -8.45 -2.55
CA LYS A 36 14.68 -9.34 -1.52
C LYS A 36 13.97 -9.04 -0.20
N PHE A 37 13.99 -9.99 0.73
CA PHE A 37 13.36 -9.82 2.04
C PHE A 37 13.97 -8.63 2.77
N GLY A 38 15.30 -8.47 2.67
CA GLY A 38 16.00 -7.37 3.31
C GLY A 38 17.37 -7.20 2.66
N MET A 1 -18.17 1.12 1.24
CA MET A 1 -19.08 0.69 2.32
C MET A 1 -19.32 1.83 3.33
N SER A 2 -18.77 3.02 3.06
CA SER A 2 -18.91 4.20 3.93
C SER A 2 -18.03 4.07 5.16
N ASP A 3 -18.15 2.96 5.90
CA ASP A 3 -17.34 2.72 7.07
C ASP A 3 -15.87 2.62 6.68
N ASP A 4 -15.58 1.84 5.63
CA ASP A 4 -14.23 1.67 5.13
C ASP A 4 -13.69 3.02 4.65
N LYS A 5 -12.37 3.22 4.82
CA LYS A 5 -11.72 4.46 4.41
C LYS A 5 -10.72 4.13 3.29
N PRO A 6 -10.50 5.06 2.35
CA PRO A 6 -9.57 4.84 1.25
C PRO A 6 -8.12 4.89 1.76
N PHE A 7 -7.45 3.74 1.76
CA PHE A 7 -6.06 3.65 2.19
C PHE A 7 -5.16 3.84 0.98
N LEU A 8 -4.68 5.07 0.77
CA LEU A 8 -3.84 5.38 -0.38
C LEU A 8 -2.36 5.21 -0.02
N CYS A 9 -1.68 4.28 -0.69
CA CYS A 9 -0.26 4.05 -0.48
C CYS A 9 0.53 5.17 -1.15
N THR A 10 0.94 6.17 -0.37
CA THR A 10 1.69 7.30 -0.91
C THR A 10 2.94 6.79 -1.65
N ALA A 11 2.91 6.90 -2.98
CA ALA A 11 4.02 6.47 -3.81
C ALA A 11 3.91 7.17 -5.18
N PRO A 12 5.05 7.47 -5.83
CA PRO A 12 5.09 8.18 -7.09
C PRO A 12 4.54 7.32 -8.23
N GLY A 13 5.36 6.38 -8.74
CA GLY A 13 4.99 5.53 -9.86
C GLY A 13 4.09 4.38 -9.43
N CYS A 14 3.20 4.63 -8.45
CA CYS A 14 2.27 3.61 -8.01
C CYS A 14 0.99 4.26 -7.48
N GLY A 15 1.07 4.88 -6.29
CA GLY A 15 -0.07 5.56 -5.69
C GLY A 15 -1.34 4.72 -5.74
N GLN A 16 -1.26 3.43 -5.35
CA GLN A 16 -2.42 2.56 -5.36
C GLN A 16 -3.23 2.76 -4.08
N ARG A 17 -4.55 2.55 -4.16
CA ARG A 17 -5.44 2.72 -3.02
C ARG A 17 -6.27 1.47 -2.84
N PHE A 18 -6.61 1.15 -1.58
CA PHE A 18 -7.37 -0.04 -1.25
C PHE A 18 -8.45 0.30 -0.24
N THR A 19 -9.44 -0.59 -0.11
CA THR A 19 -10.55 -0.41 0.82
C THR A 19 -10.17 -0.92 2.23
N ASN A 20 -9.10 -1.71 2.33
CA ASN A 20 -8.66 -2.26 3.60
C ASN A 20 -7.16 -2.03 3.77
N GLU A 21 -6.73 -1.72 5.01
CA GLU A 21 -5.32 -1.51 5.30
C GLU A 21 -4.55 -2.81 5.13
N ASP A 22 -5.24 -3.95 5.23
CA ASP A 22 -4.64 -5.26 5.04
C ASP A 22 -4.00 -5.33 3.67
N HIS A 23 -4.71 -4.83 2.65
CA HIS A 23 -4.22 -4.83 1.29
C HIS A 23 -3.05 -3.85 1.17
N LEU A 24 -3.09 -2.79 1.97
CA LEU A 24 -2.04 -1.79 1.98
C LEU A 24 -0.79 -2.41 2.59
N ALA A 25 -0.96 -3.28 3.59
CA ALA A 25 0.15 -3.92 4.27
C ALA A 25 0.98 -4.75 3.29
N VAL A 26 0.34 -5.72 2.62
CA VAL A 26 1.03 -6.58 1.66
C VAL A 26 1.62 -5.75 0.52
N HIS A 27 0.90 -4.70 0.11
CA HIS A 27 1.33 -3.84 -0.96
C HIS A 27 2.62 -3.10 -0.56
N LYS A 28 2.61 -2.51 0.63
CA LYS A 28 3.75 -1.77 1.14
C LYS A 28 4.93 -2.73 1.32
N HIS A 29 4.67 -3.93 1.86
CA HIS A 29 5.72 -4.92 2.06
C HIS A 29 6.40 -5.21 0.72
N LYS A 30 5.64 -5.23 -0.38
CA LYS A 30 6.18 -5.49 -1.70
C LYS A 30 7.11 -4.36 -2.12
N HIS A 31 6.83 -3.13 -1.67
CA HIS A 31 7.67 -1.98 -1.98
C HIS A 31 8.93 -2.04 -1.10
N GLU A 32 8.73 -2.07 0.23
CA GLU A 32 9.83 -2.16 1.18
C GLU A 32 10.22 -3.63 1.33
N MET A 33 10.46 -4.29 0.20
CA MET A 33 10.82 -5.71 0.19
C MET A 33 12.32 -5.89 0.34
N THR A 34 12.76 -7.15 0.34
CA THR A 34 14.17 -7.52 0.44
C THR A 34 14.48 -8.59 -0.60
N LEU A 35 13.78 -9.73 -0.49
CA LEU A 35 13.96 -10.85 -1.42
C LEU A 35 12.89 -10.80 -2.51
N LYS A 36 11.64 -10.50 -2.11
CA LYS A 36 10.48 -10.40 -3.02
C LYS A 36 10.38 -11.62 -3.95
N PHE A 37 9.60 -11.47 -5.03
CA PHE A 37 9.40 -12.52 -6.02
C PHE A 37 8.92 -11.88 -7.31
N GLY A 38 7.92 -10.99 -7.21
CA GLY A 38 7.38 -10.29 -8.37
C GLY A 38 6.89 -8.90 -7.94
N MET A 1 -4.96 11.84 8.23
CA MET A 1 -5.62 10.55 8.47
C MET A 1 -7.04 10.78 8.98
N SER A 2 -7.19 10.91 10.31
CA SER A 2 -8.50 11.14 10.92
C SER A 2 -9.45 10.00 10.56
N ASP A 3 -9.03 8.76 10.88
CA ASP A 3 -9.82 7.56 10.60
C ASP A 3 -10.19 7.50 9.12
N ASP A 4 -9.19 7.67 8.24
CA ASP A 4 -9.40 7.65 6.81
C ASP A 4 -9.70 6.22 6.35
N LYS A 5 -10.64 6.09 5.40
CA LYS A 5 -11.02 4.79 4.86
C LYS A 5 -10.24 4.49 3.56
N PRO A 6 -10.04 5.47 2.65
CA PRO A 6 -9.29 5.25 1.44
C PRO A 6 -7.79 5.30 1.73
N PHE A 7 -7.19 4.15 2.00
CA PHE A 7 -5.77 4.08 2.34
C PHE A 7 -4.91 4.23 1.08
N LEU A 8 -4.15 5.32 1.01
CA LEU A 8 -3.27 5.59 -0.13
C LEU A 8 -1.89 4.99 0.15
N CYS A 9 -1.42 4.13 -0.75
CA CYS A 9 -0.12 3.48 -0.59
C CYS A 9 1.00 4.49 -0.79
N THR A 10 1.79 4.71 0.27
CA THR A 10 2.93 5.62 0.20
C THR A 10 4.10 4.89 -0.48
N ALA A 11 4.10 4.87 -1.82
CA ALA A 11 5.16 4.25 -2.59
C ALA A 11 5.42 5.09 -3.84
N PRO A 12 6.67 5.11 -4.34
CA PRO A 12 7.04 5.89 -5.51
C PRO A 12 6.28 5.42 -6.74
N GLY A 13 5.34 6.23 -7.23
CA GLY A 13 4.58 5.92 -8.42
C GLY A 13 3.47 4.88 -8.15
N CYS A 14 3.78 3.85 -7.35
CA CYS A 14 2.83 2.78 -7.08
C CYS A 14 1.88 3.20 -5.97
N GLY A 15 1.24 4.35 -6.14
CA GLY A 15 0.34 4.85 -5.13
C GLY A 15 -1.07 4.28 -5.30
N GLN A 16 -1.20 2.97 -5.15
CA GLN A 16 -2.50 2.31 -5.26
C GLN A 16 -3.32 2.59 -4.00
N ARG A 17 -4.64 2.37 -4.08
CA ARG A 17 -5.55 2.63 -2.98
C ARG A 17 -6.38 1.38 -2.73
N PHE A 18 -6.74 1.15 -1.46
CA PHE A 18 -7.53 -0.01 -1.07
C PHE A 18 -8.55 0.40 0.00
N THR A 19 -9.61 -0.41 0.15
CA THR A 19 -10.63 -0.17 1.15
C THR A 19 -10.21 -0.82 2.48
N ASN A 20 -9.18 -1.68 2.42
CA ASN A 20 -8.67 -2.36 3.60
C ASN A 20 -7.18 -2.10 3.73
N GLU A 21 -6.75 -1.73 4.95
CA GLU A 21 -5.34 -1.50 5.22
C GLU A 21 -4.57 -2.82 5.08
N ASP A 22 -5.29 -3.94 5.20
CA ASP A 22 -4.71 -5.27 5.05
C ASP A 22 -4.05 -5.39 3.69
N HIS A 23 -4.78 -5.01 2.63
CA HIS A 23 -4.28 -5.08 1.27
C HIS A 23 -3.15 -4.08 1.09
N LEU A 24 -3.28 -2.91 1.73
CA LEU A 24 -2.26 -1.88 1.65
C LEU A 24 -0.96 -2.39 2.26
N ALA A 25 -1.08 -3.17 3.35
CA ALA A 25 0.08 -3.70 4.06
C ALA A 25 0.90 -4.63 3.16
N VAL A 26 0.26 -5.67 2.59
CA VAL A 26 0.98 -6.63 1.74
C VAL A 26 1.54 -5.92 0.50
N HIS A 27 0.76 -4.99 -0.07
CA HIS A 27 1.16 -4.26 -1.24
C HIS A 27 2.40 -3.42 -0.93
N LYS A 28 2.32 -2.66 0.16
CA LYS A 28 3.38 -1.78 0.58
C LYS A 28 4.61 -2.58 1.01
N HIS A 29 4.38 -3.71 1.70
CA HIS A 29 5.45 -4.57 2.18
C HIS A 29 6.43 -4.88 1.04
N LYS A 30 5.91 -5.29 -0.12
CA LYS A 30 6.76 -5.62 -1.26
C LYS A 30 7.57 -4.39 -1.70
N HIS A 31 6.98 -3.19 -1.64
CA HIS A 31 7.67 -1.97 -2.02
C HIS A 31 8.78 -1.68 -1.02
N GLU A 32 8.49 -1.84 0.28
CA GLU A 32 9.48 -1.63 1.32
C GLU A 32 10.62 -2.64 1.14
N MET A 33 10.31 -3.83 0.58
CA MET A 33 11.30 -4.88 0.34
C MET A 33 12.16 -4.54 -0.89
N THR A 34 12.63 -3.30 -0.98
CA THR A 34 13.51 -2.88 -2.07
C THR A 34 14.95 -2.97 -1.60
N LEU A 35 15.17 -2.64 -0.33
CA LEU A 35 16.49 -2.70 0.29
C LEU A 35 16.32 -3.02 1.78
N LYS A 36 15.28 -3.80 2.11
CA LYS A 36 14.99 -4.17 3.49
C LYS A 36 14.52 -5.63 3.52
N PHE A 37 14.33 -6.17 4.73
CA PHE A 37 13.85 -7.53 4.89
C PHE A 37 12.40 -7.62 4.43
N GLY A 38 11.63 -6.55 4.63
CA GLY A 38 10.24 -6.51 4.23
C GLY A 38 9.70 -5.08 4.34
N MET A 1 -17.35 2.78 13.57
CA MET A 1 -17.54 3.61 12.37
C MET A 1 -16.81 2.97 11.19
N SER A 2 -17.45 3.00 10.01
CA SER A 2 -16.86 2.42 8.81
C SER A 2 -15.66 3.26 8.36
N ASP A 3 -14.51 2.60 8.14
CA ASP A 3 -13.32 3.27 7.68
C ASP A 3 -13.43 3.50 6.17
N ASP A 4 -14.25 4.48 5.79
CA ASP A 4 -14.48 4.81 4.39
C ASP A 4 -13.25 5.51 3.79
N LYS A 5 -12.37 6.04 4.66
CA LYS A 5 -11.16 6.72 4.22
C LYS A 5 -10.37 5.78 3.28
N PRO A 6 -10.11 6.22 2.02
CA PRO A 6 -9.38 5.42 1.07
C PRO A 6 -7.94 5.24 1.53
N PHE A 7 -7.48 3.99 1.59
CA PHE A 7 -6.12 3.67 2.01
C PHE A 7 -5.18 3.90 0.82
N LEU A 8 -4.68 5.13 0.68
CA LEU A 8 -3.79 5.49 -0.41
C LEU A 8 -2.33 5.25 -0.01
N CYS A 9 -1.65 4.31 -0.68
CA CYS A 9 -0.25 4.03 -0.42
C CYS A 9 0.62 5.15 -0.97
N THR A 10 0.87 6.17 -0.14
CA THR A 10 1.71 7.30 -0.55
C THR A 10 3.10 6.79 -0.91
N ALA A 11 3.49 6.95 -2.18
CA ALA A 11 4.80 6.52 -2.66
C ALA A 11 5.17 7.37 -3.88
N PRO A 12 6.46 7.37 -4.27
CA PRO A 12 6.94 8.15 -5.39
C PRO A 12 6.37 7.63 -6.70
N GLY A 13 6.86 6.46 -7.16
CA GLY A 13 6.41 5.88 -8.43
C GLY A 13 5.26 4.90 -8.19
N CYS A 14 4.42 5.16 -7.18
CA CYS A 14 3.28 4.30 -6.89
C CYS A 14 2.30 5.02 -5.98
N GLY A 15 0.99 4.85 -6.25
CA GLY A 15 -0.05 5.48 -5.46
C GLY A 15 -1.34 4.68 -5.58
N GLN A 16 -1.28 3.38 -5.25
CA GLN A 16 -2.45 2.52 -5.34
C GLN A 16 -3.33 2.72 -4.12
N ARG A 17 -4.64 2.49 -4.31
CA ARG A 17 -5.64 2.69 -3.26
C ARG A 17 -6.30 1.36 -2.92
N PHE A 18 -6.69 1.20 -1.65
CA PHE A 18 -7.36 0.01 -1.18
C PHE A 18 -8.44 0.40 -0.17
N THR A 19 -9.34 -0.54 0.13
CA THR A 19 -10.43 -0.30 1.07
C THR A 19 -10.06 -0.76 2.48
N ASN A 20 -8.92 -1.47 2.63
CA ASN A 20 -8.47 -1.96 3.93
C ASN A 20 -6.98 -1.70 4.10
N GLU A 21 -6.50 -1.79 5.34
CA GLU A 21 -5.10 -1.65 5.65
C GLU A 21 -4.39 -2.97 5.33
N ASP A 22 -5.15 -4.08 5.29
CA ASP A 22 -4.59 -5.39 5.00
C ASP A 22 -3.95 -5.41 3.62
N HIS A 23 -4.70 -4.93 2.62
CA HIS A 23 -4.22 -4.90 1.26
C HIS A 23 -3.09 -3.90 1.13
N LEU A 24 -3.15 -2.83 1.92
CA LEU A 24 -2.12 -1.82 1.92
C LEU A 24 -0.84 -2.41 2.54
N ALA A 25 -0.99 -3.28 3.54
CA ALA A 25 0.14 -3.89 4.23
C ALA A 25 1.00 -4.69 3.24
N VAL A 26 0.40 -5.68 2.57
CA VAL A 26 1.12 -6.52 1.62
C VAL A 26 1.70 -5.65 0.50
N HIS A 27 0.93 -4.64 0.08
CA HIS A 27 1.35 -3.74 -0.98
C HIS A 27 2.60 -2.96 -0.54
N LYS A 28 2.57 -2.44 0.69
CA LYS A 28 3.69 -1.70 1.24
C LYS A 28 4.89 -2.61 1.39
N HIS A 29 4.68 -3.86 1.83
CA HIS A 29 5.75 -4.81 1.99
C HIS A 29 6.38 -5.11 0.63
N LYS A 30 5.56 -5.15 -0.43
CA LYS A 30 6.06 -5.41 -1.77
C LYS A 30 7.08 -4.33 -2.15
N HIS A 31 6.86 -3.10 -1.70
CA HIS A 31 7.79 -2.01 -1.93
C HIS A 31 9.00 -2.19 -1.01
N GLU A 32 8.73 -2.23 0.30
CA GLU A 32 9.77 -2.39 1.30
C GLU A 32 10.01 -3.88 1.51
N MET A 33 10.37 -4.58 0.42
CA MET A 33 10.63 -6.00 0.47
C MET A 33 12.07 -6.22 0.91
N THR A 34 12.24 -6.82 2.10
CA THR A 34 13.56 -7.09 2.66
C THR A 34 14.34 -8.04 1.74
N LEU A 35 13.64 -9.00 1.15
CA LEU A 35 14.26 -9.97 0.25
C LEU A 35 14.90 -9.24 -0.94
N LYS A 36 14.10 -8.39 -1.61
CA LYS A 36 14.58 -7.64 -2.77
C LYS A 36 13.72 -6.39 -2.96
N PHE A 37 14.24 -5.24 -2.50
CA PHE A 37 13.53 -3.98 -2.61
C PHE A 37 13.28 -3.63 -4.09
N GLY A 38 14.36 -3.49 -4.86
CA GLY A 38 14.26 -3.15 -6.28
C GLY A 38 14.08 -4.42 -7.10
N MET A 1 -16.94 12.60 -0.42
CA MET A 1 -17.04 12.40 1.04
C MET A 1 -17.47 10.96 1.35
N SER A 2 -17.28 10.53 2.61
CA SER A 2 -17.64 9.19 3.04
C SER A 2 -16.99 8.15 2.12
N ASP A 3 -15.68 8.29 1.87
CA ASP A 3 -14.95 7.39 1.01
C ASP A 3 -14.54 6.13 1.80
N ASP A 4 -15.53 5.49 2.44
CA ASP A 4 -15.32 4.29 3.24
C ASP A 4 -14.08 4.44 4.11
N LYS A 5 -13.01 3.70 3.77
CA LYS A 5 -11.75 3.74 4.50
C LYS A 5 -10.61 3.89 3.49
N PRO A 6 -10.19 5.13 3.19
CA PRO A 6 -9.16 5.40 2.21
C PRO A 6 -7.78 4.97 2.73
N PHE A 7 -7.01 4.29 1.87
CA PHE A 7 -5.66 3.85 2.20
C PHE A 7 -4.78 4.06 0.98
N LEU A 8 -4.22 5.28 0.84
CA LEU A 8 -3.36 5.61 -0.29
C LEU A 8 -1.92 5.20 0.01
N CYS A 9 -1.39 4.24 -0.74
CA CYS A 9 -0.02 3.78 -0.57
C CYS A 9 0.96 4.90 -0.93
N THR A 10 1.87 5.21 -0.02
CA THR A 10 2.87 6.25 -0.25
C THR A 10 4.06 5.64 -1.01
N ALA A 11 3.90 5.42 -2.33
CA ALA A 11 4.95 4.86 -3.16
C ALA A 11 5.06 5.70 -4.43
N PRO A 12 6.28 5.84 -5.00
CA PRO A 12 6.51 6.62 -6.19
C PRO A 12 5.76 6.03 -7.37
N GLY A 13 4.70 6.71 -7.82
CA GLY A 13 3.92 6.27 -8.97
C GLY A 13 2.97 5.14 -8.61
N CYS A 14 3.42 4.18 -7.78
CA CYS A 14 2.62 3.04 -7.41
C CYS A 14 1.73 3.37 -6.23
N GLY A 15 1.08 4.53 -6.28
CA GLY A 15 0.24 4.97 -5.20
C GLY A 15 -1.16 4.37 -5.34
N GLN A 16 -1.26 3.05 -5.18
CA GLN A 16 -2.53 2.36 -5.28
C GLN A 16 -3.35 2.61 -4.02
N ARG A 17 -4.67 2.40 -4.13
CA ARG A 17 -5.60 2.62 -3.02
C ARG A 17 -6.39 1.34 -2.79
N PHE A 18 -6.77 1.11 -1.53
CA PHE A 18 -7.53 -0.07 -1.15
C PHE A 18 -8.59 0.31 -0.13
N THR A 19 -9.52 -0.61 0.13
CA THR A 19 -10.60 -0.38 1.09
C THR A 19 -10.16 -0.81 2.49
N ASN A 20 -9.13 -1.68 2.58
CA ASN A 20 -8.62 -2.17 3.86
C ASN A 20 -7.12 -1.94 3.93
N GLU A 21 -6.61 -1.72 5.14
CA GLU A 21 -5.18 -1.53 5.35
C GLU A 21 -4.45 -2.85 5.12
N ASP A 22 -5.17 -3.98 5.29
CA ASP A 22 -4.61 -5.30 5.08
C ASP A 22 -4.00 -5.40 3.68
N HIS A 23 -4.75 -4.90 2.68
CA HIS A 23 -4.30 -4.93 1.30
C HIS A 23 -3.11 -4.00 1.13
N LEU A 24 -3.13 -2.89 1.87
CA LEU A 24 -2.04 -1.93 1.83
C LEU A 24 -0.78 -2.53 2.47
N ALA A 25 -0.98 -3.42 3.45
CA ALA A 25 0.14 -4.05 4.14
C ALA A 25 0.94 -4.90 3.16
N VAL A 26 0.30 -5.90 2.55
CA VAL A 26 0.98 -6.79 1.59
C VAL A 26 1.53 -5.98 0.42
N HIS A 27 0.78 -4.96 -0.02
CA HIS A 27 1.17 -4.13 -1.15
C HIS A 27 2.42 -3.33 -0.81
N LYS A 28 2.37 -2.52 0.26
CA LYS A 28 3.49 -1.69 0.66
C LYS A 28 4.66 -2.54 1.11
N HIS A 29 4.39 -3.75 1.62
CA HIS A 29 5.46 -4.64 2.05
C HIS A 29 6.35 -5.00 0.87
N LYS A 30 5.75 -5.19 -0.31
CA LYS A 30 6.49 -5.54 -1.50
C LYS A 30 7.42 -4.38 -1.91
N HIS A 31 6.96 -3.14 -1.71
CA HIS A 31 7.75 -1.96 -2.04
C HIS A 31 8.81 -1.75 -0.96
N GLU A 32 8.36 -1.66 0.28
CA GLU A 32 9.20 -1.49 1.46
C GLU A 32 9.77 -2.85 1.88
N MET A 33 10.39 -3.56 0.93
CA MET A 33 10.95 -4.87 1.18
C MET A 33 12.41 -4.74 1.59
N THR A 34 12.73 -5.16 2.82
CA THR A 34 14.10 -5.09 3.33
C THR A 34 14.98 -6.10 2.57
N LEU A 35 14.40 -7.21 2.11
CA LEU A 35 15.11 -8.24 1.38
C LEU A 35 14.46 -8.37 0.01
N LYS A 36 14.78 -7.43 -0.89
CA LYS A 36 14.22 -7.40 -2.22
C LYS A 36 14.59 -8.68 -2.97
N PHE A 37 13.68 -9.15 -3.83
CA PHE A 37 13.88 -10.37 -4.59
C PHE A 37 13.13 -10.27 -5.92
N GLY A 38 11.84 -9.95 -5.86
CA GLY A 38 11.01 -9.82 -7.04
C GLY A 38 9.62 -9.32 -6.66
N MET A 1 -15.24 13.35 1.14
CA MET A 1 -14.28 14.34 0.62
C MET A 1 -13.06 14.39 1.54
N SER A 2 -11.87 14.18 0.97
CA SER A 2 -10.62 14.18 1.75
C SER A 2 -10.76 13.22 2.94
N ASP A 3 -11.36 12.05 2.69
CA ASP A 3 -11.60 11.06 3.72
C ASP A 3 -10.30 10.40 4.14
N ASP A 4 -10.28 9.84 5.35
CA ASP A 4 -9.11 9.16 5.90
C ASP A 4 -9.22 7.64 5.68
N LYS A 5 -10.42 7.15 5.39
CA LYS A 5 -10.66 5.72 5.22
C LYS A 5 -9.92 5.15 4.00
N PRO A 6 -9.88 5.84 2.84
CA PRO A 6 -9.20 5.32 1.67
C PRO A 6 -7.69 5.24 1.95
N PHE A 7 -7.17 4.00 2.04
CA PHE A 7 -5.76 3.78 2.32
C PHE A 7 -4.95 3.94 1.04
N LEU A 8 -4.37 5.13 0.85
CA LEU A 8 -3.57 5.41 -0.34
C LEU A 8 -2.09 5.13 -0.05
N CYS A 9 -1.50 4.16 -0.76
CA CYS A 9 -0.09 3.83 -0.61
C CYS A 9 0.74 4.87 -1.35
N THR A 10 1.09 5.96 -0.66
CA THR A 10 1.87 7.04 -1.26
C THR A 10 3.08 6.48 -2.00
N ALA A 11 3.06 6.59 -3.33
CA ALA A 11 4.14 6.11 -4.18
C ALA A 11 4.03 6.78 -5.55
N PRO A 12 5.17 6.99 -6.24
CA PRO A 12 5.21 7.67 -7.52
C PRO A 12 4.56 6.82 -8.62
N GLY A 13 5.32 5.85 -9.16
CA GLY A 13 4.85 5.02 -10.26
C GLY A 13 3.94 3.91 -9.77
N CYS A 14 3.10 4.20 -8.78
CA CYS A 14 2.15 3.21 -8.26
C CYS A 14 0.93 3.91 -7.67
N GLY A 15 1.07 4.51 -6.48
CA GLY A 15 0.00 5.22 -5.82
C GLY A 15 -1.32 4.43 -5.83
N GLN A 16 -1.27 3.15 -5.41
CA GLN A 16 -2.48 2.33 -5.37
C GLN A 16 -3.22 2.58 -4.07
N ARG A 17 -4.56 2.47 -4.11
CA ARG A 17 -5.41 2.71 -2.96
C ARG A 17 -6.28 1.49 -2.72
N PHE A 18 -6.60 1.23 -1.44
CA PHE A 18 -7.42 0.10 -1.07
C PHE A 18 -8.43 0.52 -0.01
N THR A 19 -9.49 -0.29 0.13
CA THR A 19 -10.55 -0.01 1.09
C THR A 19 -10.13 -0.43 2.50
N ASN A 20 -9.06 -1.24 2.60
CA ASN A 20 -8.56 -1.72 3.88
C ASN A 20 -7.05 -1.54 3.97
N GLU A 21 -6.53 -1.60 5.20
CA GLU A 21 -5.10 -1.52 5.43
C GLU A 21 -4.45 -2.89 5.18
N ASP A 22 -5.27 -3.96 5.20
CA ASP A 22 -4.79 -5.31 4.95
C ASP A 22 -4.12 -5.39 3.59
N HIS A 23 -4.83 -4.92 2.55
CA HIS A 23 -4.30 -4.94 1.19
C HIS A 23 -3.12 -3.98 1.10
N LEU A 24 -3.20 -2.87 1.85
CA LEU A 24 -2.12 -1.89 1.86
C LEU A 24 -0.87 -2.50 2.47
N ALA A 25 -1.04 -3.39 3.46
CA ALA A 25 0.07 -4.03 4.16
C ALA A 25 0.87 -4.90 3.19
N VAL A 26 0.22 -5.87 2.55
CA VAL A 26 0.89 -6.77 1.61
C VAL A 26 1.47 -5.96 0.44
N HIS A 27 0.75 -4.93 0.00
CA HIS A 27 1.16 -4.11 -1.11
C HIS A 27 2.42 -3.32 -0.77
N LYS A 28 2.38 -2.53 0.31
CA LYS A 28 3.51 -1.70 0.70
C LYS A 28 4.68 -2.59 1.14
N HIS A 29 4.40 -3.74 1.75
CA HIS A 29 5.45 -4.67 2.16
C HIS A 29 6.34 -4.98 0.97
N LYS A 30 5.73 -5.20 -0.20
CA LYS A 30 6.46 -5.51 -1.42
C LYS A 30 7.37 -4.33 -1.79
N HIS A 31 6.89 -3.09 -1.58
CA HIS A 31 7.67 -1.89 -1.91
C HIS A 31 8.84 -1.76 -0.94
N GLU A 32 8.58 -1.83 0.37
CA GLU A 32 9.62 -1.73 1.38
C GLU A 32 10.65 -2.84 1.16
N MET A 33 10.20 -4.03 0.75
CA MET A 33 11.09 -5.16 0.49
C MET A 33 11.98 -4.86 -0.71
N THR A 34 11.36 -4.58 -1.87
CA THR A 34 12.09 -4.32 -3.09
C THR A 34 11.10 -3.74 -4.11
N LEU A 35 11.14 -4.22 -5.36
CA LEU A 35 10.26 -3.75 -6.41
C LEU A 35 9.85 -4.93 -7.29
N LYS A 36 9.42 -6.02 -6.66
CA LYS A 36 8.99 -7.21 -7.38
C LYS A 36 7.68 -6.90 -8.11
N PHE A 37 7.70 -7.00 -9.44
CA PHE A 37 6.52 -6.73 -10.26
C PHE A 37 5.33 -7.53 -9.72
N GLY A 38 5.53 -8.82 -9.48
CA GLY A 38 4.49 -9.69 -8.95
C GLY A 38 5.11 -11.00 -8.51
N MET A 1 -9.10 -0.90 8.54
CA MET A 1 -9.43 -2.32 8.73
C MET A 1 -10.52 -2.73 7.75
N SER A 2 -11.50 -3.53 8.18
CA SER A 2 -12.61 -3.94 7.34
C SER A 2 -13.61 -2.78 7.26
N ASP A 3 -13.28 -1.76 6.47
CA ASP A 3 -14.11 -0.58 6.34
C ASP A 3 -13.98 -0.01 4.92
N ASP A 4 -14.61 1.15 4.68
CA ASP A 4 -14.59 1.79 3.36
C ASP A 4 -13.59 2.95 3.32
N LYS A 5 -12.74 3.08 4.35
CA LYS A 5 -11.76 4.16 4.40
C LYS A 5 -10.71 3.94 3.30
N PRO A 6 -10.49 4.92 2.40
CA PRO A 6 -9.51 4.79 1.34
C PRO A 6 -8.09 4.88 1.90
N PHE A 7 -7.33 3.78 1.77
CA PHE A 7 -5.94 3.74 2.21
C PHE A 7 -5.04 3.92 1.00
N LEU A 8 -4.49 5.13 0.83
CA LEU A 8 -3.63 5.44 -0.31
C LEU A 8 -2.17 5.18 0.03
N CYS A 9 -1.54 4.24 -0.69
CA CYS A 9 -0.13 3.93 -0.50
C CYS A 9 0.70 4.94 -1.29
N THR A 10 0.97 6.10 -0.68
CA THR A 10 1.75 7.15 -1.32
C THR A 10 3.05 6.59 -1.85
N ALA A 11 3.18 6.50 -3.19
CA ALA A 11 4.36 5.99 -3.84
C ALA A 11 4.46 6.60 -5.23
N PRO A 12 5.70 6.80 -5.74
CA PRO A 12 5.93 7.41 -7.04
C PRO A 12 5.37 6.55 -8.16
N GLY A 13 4.42 7.10 -8.93
CA GLY A 13 3.85 6.41 -10.07
C GLY A 13 2.83 5.35 -9.62
N CYS A 14 3.15 4.58 -8.57
CA CYS A 14 2.27 3.52 -8.10
C CYS A 14 1.01 4.13 -7.48
N GLY A 15 1.14 4.76 -6.30
CA GLY A 15 0.02 5.40 -5.60
C GLY A 15 -1.26 4.58 -5.68
N GLN A 16 -1.21 3.29 -5.27
CA GLN A 16 -2.39 2.44 -5.29
C GLN A 16 -3.19 2.64 -4.01
N ARG A 17 -4.52 2.49 -4.11
CA ARG A 17 -5.41 2.68 -2.97
C ARG A 17 -6.27 1.44 -2.80
N PHE A 18 -6.56 1.11 -1.54
CA PHE A 18 -7.35 -0.05 -1.20
C PHE A 18 -8.38 0.32 -0.15
N THR A 19 -9.46 -0.49 -0.05
CA THR A 19 -10.52 -0.25 0.91
C THR A 19 -10.10 -0.71 2.31
N ASN A 20 -9.16 -1.66 2.39
CA ASN A 20 -8.69 -2.19 3.67
C ASN A 20 -7.20 -1.94 3.80
N GLU A 21 -6.74 -1.68 5.03
CA GLU A 21 -5.33 -1.46 5.30
C GLU A 21 -4.55 -2.77 5.13
N ASP A 22 -5.26 -3.91 5.23
CA ASP A 22 -4.64 -5.22 5.07
C ASP A 22 -4.03 -5.31 3.68
N HIS A 23 -4.76 -4.85 2.67
CA HIS A 23 -4.29 -4.86 1.30
C HIS A 23 -3.10 -3.91 1.17
N LEU A 24 -3.12 -2.83 1.96
CA LEU A 24 -2.05 -1.86 1.97
C LEU A 24 -0.80 -2.47 2.61
N ALA A 25 -0.99 -3.41 3.53
CA ALA A 25 0.11 -4.07 4.22
C ALA A 25 0.92 -4.92 3.23
N VAL A 26 0.27 -5.88 2.58
CA VAL A 26 0.94 -6.75 1.62
C VAL A 26 1.53 -5.92 0.48
N HIS A 27 0.82 -4.86 0.09
CA HIS A 27 1.23 -3.99 -1.01
C HIS A 27 2.48 -3.18 -0.64
N LYS A 28 2.44 -2.47 0.49
CA LYS A 28 3.56 -1.63 0.91
C LYS A 28 4.76 -2.50 1.25
N HIS A 29 4.53 -3.73 1.70
CA HIS A 29 5.62 -4.66 2.03
C HIS A 29 6.42 -4.97 0.76
N LYS A 30 5.71 -5.19 -0.37
CA LYS A 30 6.36 -5.47 -1.64
C LYS A 30 7.28 -4.32 -2.03
N HIS A 31 6.87 -3.08 -1.71
CA HIS A 31 7.67 -1.91 -2.00
C HIS A 31 8.86 -1.87 -1.05
N GLU A 32 8.58 -2.00 0.26
CA GLU A 32 9.61 -1.97 1.29
C GLU A 32 10.25 -3.36 1.41
N MET A 33 10.67 -3.92 0.27
CA MET A 33 11.32 -5.22 0.26
C MET A 33 12.79 -5.05 0.61
N THR A 34 13.07 -4.72 1.87
CA THR A 34 14.43 -4.49 2.34
C THR A 34 15.28 -5.74 2.15
N LEU A 35 14.75 -6.92 2.53
CA LEU A 35 15.48 -8.17 2.39
C LEU A 35 14.53 -9.35 2.58
N LYS A 36 13.65 -9.58 1.60
CA LYS A 36 12.69 -10.69 1.66
C LYS A 36 12.13 -10.94 0.26
N PHE A 37 12.78 -11.83 -0.48
CA PHE A 37 12.34 -12.16 -1.83
C PHE A 37 11.12 -13.08 -1.77
N GLY A 38 9.92 -12.48 -1.83
CA GLY A 38 8.68 -13.23 -1.77
C GLY A 38 7.50 -12.28 -1.94
N MET A 1 -11.78 -1.71 8.10
CA MET A 1 -12.13 -0.45 8.78
C MET A 1 -13.54 -0.03 8.40
N SER A 2 -14.22 0.68 9.31
CA SER A 2 -15.57 1.14 9.07
C SER A 2 -15.58 2.14 7.92
N ASP A 3 -16.62 2.08 7.07
CA ASP A 3 -16.76 2.96 5.91
C ASP A 3 -15.64 2.70 4.89
N ASP A 4 -15.79 3.23 3.68
CA ASP A 4 -14.80 3.05 2.63
C ASP A 4 -13.66 4.05 2.82
N LYS A 5 -12.97 3.96 3.96
CA LYS A 5 -11.85 4.83 4.27
C LYS A 5 -10.72 4.53 3.26
N PRO A 6 -10.36 5.49 2.38
CA PRO A 6 -9.34 5.27 1.38
C PRO A 6 -7.96 5.09 2.01
N PHE A 7 -7.26 4.01 1.62
CA PHE A 7 -5.91 3.75 2.08
C PHE A 7 -4.97 3.96 0.90
N LEU A 8 -4.54 5.21 0.69
CA LEU A 8 -3.67 5.57 -0.42
C LEU A 8 -2.21 5.32 -0.06
N CYS A 9 -1.59 4.33 -0.73
CA CYS A 9 -0.18 4.01 -0.50
C CYS A 9 0.70 5.06 -1.18
N THR A 10 1.00 6.15 -0.48
CA THR A 10 1.86 7.19 -1.03
C THR A 10 3.22 6.59 -1.37
N ALA A 11 3.74 6.88 -2.56
CA ALA A 11 5.01 6.36 -3.02
C ALA A 11 5.41 7.08 -4.31
N PRO A 12 6.71 7.05 -4.68
CA PRO A 12 7.19 7.68 -5.88
C PRO A 12 6.54 7.03 -7.10
N GLY A 13 5.63 7.76 -7.76
CA GLY A 13 4.94 7.25 -8.94
C GLY A 13 3.80 6.32 -8.53
N CYS A 14 4.09 5.34 -7.66
CA CYS A 14 3.09 4.38 -7.19
C CYS A 14 2.13 5.07 -6.23
N GLY A 15 0.82 4.85 -6.41
CA GLY A 15 -0.18 5.45 -5.56
C GLY A 15 -1.47 4.64 -5.61
N GLN A 16 -1.38 3.35 -5.28
CA GLN A 16 -2.54 2.47 -5.30
C GLN A 16 -3.36 2.68 -4.03
N ARG A 17 -4.69 2.51 -4.16
CA ARG A 17 -5.62 2.71 -3.05
C ARG A 17 -6.39 1.42 -2.82
N PHE A 18 -6.73 1.15 -1.55
CA PHE A 18 -7.43 -0.06 -1.19
C PHE A 18 -8.51 0.24 -0.15
N THR A 19 -9.45 -0.71 -0.01
CA THR A 19 -10.56 -0.57 0.92
C THR A 19 -10.13 -0.90 2.35
N ASN A 20 -9.07 -1.72 2.49
CA ASN A 20 -8.58 -2.15 3.79
C ASN A 20 -7.09 -1.92 3.91
N GLU A 21 -6.62 -1.67 5.14
CA GLU A 21 -5.20 -1.47 5.40
C GLU A 21 -4.46 -2.79 5.19
N ASP A 22 -5.17 -3.91 5.36
CA ASP A 22 -4.60 -5.24 5.16
C ASP A 22 -4.01 -5.33 3.75
N HIS A 23 -4.76 -4.81 2.76
CA HIS A 23 -4.32 -4.83 1.38
C HIS A 23 -3.13 -3.88 1.22
N LEU A 24 -3.13 -2.80 2.00
CA LEU A 24 -2.05 -1.84 1.97
C LEU A 24 -0.79 -2.46 2.57
N ALA A 25 -0.96 -3.39 3.52
CA ALA A 25 0.16 -4.04 4.18
C ALA A 25 0.94 -4.89 3.18
N VAL A 26 0.26 -5.81 2.49
CA VAL A 26 0.92 -6.67 1.51
C VAL A 26 1.50 -5.82 0.37
N HIS A 27 0.76 -4.79 -0.05
CA HIS A 27 1.19 -3.90 -1.10
C HIS A 27 2.47 -3.16 -0.67
N LYS A 28 2.49 -2.68 0.58
CA LYS A 28 3.65 -1.99 1.13
C LYS A 28 4.83 -2.95 1.17
N HIS A 29 4.62 -4.12 1.79
CA HIS A 29 5.64 -5.15 1.94
C HIS A 29 6.49 -5.28 0.67
N LYS A 30 5.83 -5.32 -0.50
CA LYS A 30 6.54 -5.45 -1.78
C LYS A 30 7.47 -4.24 -2.00
N HIS A 31 6.97 -3.03 -1.72
CA HIS A 31 7.75 -1.81 -1.90
C HIS A 31 8.90 -1.75 -0.88
N GLU A 32 8.56 -1.95 0.39
CA GLU A 32 9.52 -1.87 1.49
C GLU A 32 10.29 -3.20 1.65
N MET A 33 10.40 -3.99 0.57
CA MET A 33 11.10 -5.27 0.60
C MET A 33 12.62 -5.03 0.52
N THR A 34 13.17 -4.34 1.52
CA THR A 34 14.59 -4.03 1.57
C THR A 34 15.43 -5.33 1.66
N LEU A 35 14.78 -6.45 2.00
CA LEU A 35 15.46 -7.73 2.11
C LEU A 35 15.85 -8.21 0.71
N LYS A 36 14.98 -7.96 -0.28
CA LYS A 36 15.22 -8.38 -1.65
C LYS A 36 14.15 -7.78 -2.58
N PHE A 37 13.22 -8.62 -3.02
CA PHE A 37 12.16 -8.22 -3.93
C PHE A 37 11.11 -9.34 -3.93
N GLY A 38 10.42 -9.52 -5.05
CA GLY A 38 9.40 -10.53 -5.18
C GLY A 38 8.41 -10.13 -6.27
N MET A 1 -6.70 15.67 -1.36
CA MET A 1 -7.55 14.50 -1.61
C MET A 1 -8.59 14.38 -0.50
N SER A 2 -8.14 13.99 0.72
CA SER A 2 -9.01 13.85 1.86
C SER A 2 -8.17 13.91 3.14
N ASP A 3 -8.79 13.67 4.29
CA ASP A 3 -8.11 13.70 5.58
C ASP A 3 -7.39 12.37 5.81
N ASP A 4 -6.56 11.95 4.84
CA ASP A 4 -5.83 10.68 4.91
C ASP A 4 -6.78 9.54 5.27
N LYS A 5 -8.03 9.62 4.78
CA LYS A 5 -9.03 8.62 5.05
C LYS A 5 -8.84 7.39 4.14
N PRO A 6 -8.74 7.56 2.79
CA PRO A 6 -8.55 6.43 1.90
C PRO A 6 -7.18 5.82 2.12
N PHE A 7 -7.08 4.48 2.05
CA PHE A 7 -5.82 3.79 2.23
C PHE A 7 -4.98 3.93 0.98
N LEU A 8 -4.26 5.05 0.86
CA LEU A 8 -3.41 5.34 -0.28
C LEU A 8 -1.99 4.87 0.02
N CYS A 9 -1.45 4.00 -0.85
CA CYS A 9 -0.11 3.47 -0.68
C CYS A 9 0.91 4.60 -0.82
N THR A 10 1.88 4.65 0.09
CA THR A 10 2.91 5.68 0.11
C THR A 10 3.94 5.44 -1.00
N ALA A 11 3.54 5.67 -2.26
CA ALA A 11 4.44 5.52 -3.40
C ALA A 11 3.95 6.43 -4.53
N PRO A 12 4.87 7.12 -5.24
CA PRO A 12 4.52 8.03 -6.31
C PRO A 12 3.94 7.28 -7.50
N GLY A 13 4.79 6.50 -8.20
CA GLY A 13 4.37 5.76 -9.38
C GLY A 13 3.64 4.47 -8.99
N CYS A 14 3.12 4.40 -7.77
CA CYS A 14 2.40 3.22 -7.31
C CYS A 14 1.46 3.60 -6.18
N GLY A 15 0.82 4.75 -6.29
CA GLY A 15 -0.08 5.23 -5.27
C GLY A 15 -1.44 4.54 -5.41
N GLN A 16 -1.46 3.21 -5.27
CA GLN A 16 -2.68 2.44 -5.37
C GLN A 16 -3.55 2.68 -4.13
N ARG A 17 -4.85 2.44 -4.26
CA ARG A 17 -5.81 2.65 -3.17
C ARG A 17 -6.51 1.35 -2.88
N PHE A 18 -6.88 1.15 -1.60
CA PHE A 18 -7.53 -0.07 -1.17
C PHE A 18 -8.66 0.26 -0.20
N THR A 19 -9.54 -0.71 0.02
CA THR A 19 -10.68 -0.54 0.93
C THR A 19 -10.24 -0.77 2.37
N ASN A 20 -9.08 -1.41 2.58
CA ASN A 20 -8.58 -1.70 3.91
C ASN A 20 -7.07 -1.45 3.98
N GLU A 21 -6.53 -1.54 5.19
CA GLU A 21 -5.11 -1.41 5.42
C GLU A 21 -4.43 -2.77 5.20
N ASP A 22 -5.22 -3.85 5.26
CA ASP A 22 -4.71 -5.20 5.06
C ASP A 22 -4.08 -5.31 3.67
N HIS A 23 -4.82 -4.93 2.63
CA HIS A 23 -4.32 -5.00 1.27
C HIS A 23 -3.20 -3.97 1.09
N LEU A 24 -3.28 -2.87 1.84
CA LEU A 24 -2.25 -1.84 1.78
C LEU A 24 -0.95 -2.38 2.37
N ALA A 25 -1.06 -3.22 3.42
CA ALA A 25 0.09 -3.79 4.11
C ALA A 25 0.90 -4.66 3.16
N VAL A 26 0.27 -5.70 2.58
CA VAL A 26 0.96 -6.60 1.68
C VAL A 26 1.57 -5.83 0.50
N HIS A 27 0.83 -4.83 0.00
CA HIS A 27 1.29 -4.02 -1.11
C HIS A 27 2.50 -3.18 -0.68
N LYS A 28 2.45 -2.61 0.53
CA LYS A 28 3.53 -1.81 1.07
C LYS A 28 4.75 -2.70 1.31
N HIS A 29 4.53 -3.97 1.68
CA HIS A 29 5.60 -4.90 1.94
C HIS A 29 6.44 -5.11 0.68
N LYS A 30 5.80 -5.07 -0.50
CA LYS A 30 6.53 -5.21 -1.76
C LYS A 30 7.47 -4.03 -1.93
N HIS A 31 7.00 -2.82 -1.59
CA HIS A 31 7.83 -1.63 -1.68
C HIS A 31 8.96 -1.72 -0.68
N GLU A 32 8.65 -2.17 0.54
CA GLU A 32 9.63 -2.37 1.59
C GLU A 32 10.74 -3.29 1.08
N MET A 33 10.34 -4.37 0.39
CA MET A 33 11.28 -5.33 -0.17
C MET A 33 11.83 -4.80 -1.50
N THR A 34 12.37 -3.57 -1.48
CA THR A 34 12.92 -2.95 -2.67
C THR A 34 14.06 -3.79 -3.23
N LEU A 35 14.84 -4.42 -2.35
CA LEU A 35 15.97 -5.25 -2.76
C LEU A 35 16.22 -6.32 -1.69
N LYS A 36 15.14 -6.89 -1.14
CA LYS A 36 15.23 -7.91 -0.12
C LYS A 36 15.23 -9.30 -0.78
N PHE A 37 14.34 -9.48 -1.77
CA PHE A 37 14.22 -10.74 -2.49
C PHE A 37 13.54 -10.51 -3.83
N GLY A 38 12.26 -10.15 -3.79
CA GLY A 38 11.48 -9.90 -4.99
C GLY A 38 10.00 -9.85 -4.65
N MET A 1 -12.56 14.55 8.85
CA MET A 1 -12.68 15.00 7.47
C MET A 1 -13.75 14.19 6.73
N SER A 2 -13.49 12.90 6.51
CA SER A 2 -14.43 12.01 5.85
C SER A 2 -14.49 10.69 6.59
N ASP A 3 -15.59 9.94 6.40
CA ASP A 3 -15.76 8.65 7.04
C ASP A 3 -14.73 7.67 6.49
N ASP A 4 -14.72 7.50 5.16
CA ASP A 4 -13.77 6.61 4.51
C ASP A 4 -12.36 7.18 4.65
N LYS A 5 -11.39 6.30 4.93
CA LYS A 5 -9.99 6.67 5.03
C LYS A 5 -9.27 6.12 3.81
N PRO A 6 -8.94 6.97 2.81
CA PRO A 6 -8.28 6.52 1.61
C PRO A 6 -6.92 5.89 1.94
N PHE A 7 -6.82 4.57 1.76
CA PHE A 7 -5.58 3.85 2.02
C PHE A 7 -4.63 4.04 0.83
N LEU A 8 -4.15 5.28 0.65
CA LEU A 8 -3.26 5.60 -0.46
C LEU A 8 -1.82 5.25 -0.09
N CYS A 9 -1.27 4.21 -0.74
CA CYS A 9 0.11 3.80 -0.49
C CYS A 9 1.07 4.87 -1.02
N THR A 10 2.10 5.20 -0.24
CA THR A 10 3.09 6.18 -0.66
C THR A 10 4.19 5.48 -1.47
N ALA A 11 3.93 5.31 -2.79
CA ALA A 11 4.90 4.69 -3.68
C ALA A 11 4.97 5.52 -4.96
N PRO A 12 6.18 5.70 -5.53
CA PRO A 12 6.37 6.53 -6.71
C PRO A 12 5.61 5.98 -7.91
N GLY A 13 4.55 6.69 -8.31
CA GLY A 13 3.75 6.33 -9.47
C GLY A 13 2.84 5.13 -9.21
N CYS A 14 3.28 4.18 -8.38
CA CYS A 14 2.51 2.98 -8.12
C CYS A 14 1.37 3.28 -7.16
N GLY A 15 1.70 3.99 -6.06
CA GLY A 15 0.76 4.38 -4.99
C GLY A 15 -0.68 3.95 -5.25
N GLN A 16 -0.99 2.67 -5.00
CA GLN A 16 -2.32 2.14 -5.19
C GLN A 16 -3.20 2.51 -3.99
N ARG A 17 -4.52 2.36 -4.17
CA ARG A 17 -5.49 2.67 -3.12
C ARG A 17 -6.32 1.43 -2.84
N PHE A 18 -6.73 1.28 -1.60
CA PHE A 18 -7.55 0.16 -1.17
C PHE A 18 -8.55 0.66 -0.13
N THR A 19 -9.38 -0.27 0.38
CA THR A 19 -10.38 0.05 1.40
C THR A 19 -10.06 -0.73 2.69
N ASN A 20 -8.84 -1.28 2.78
CA ASN A 20 -8.42 -2.06 3.94
C ASN A 20 -6.92 -1.93 4.13
N GLU A 21 -6.49 -1.86 5.40
CA GLU A 21 -5.08 -1.77 5.72
C GLU A 21 -4.39 -3.10 5.36
N ASP A 22 -5.17 -4.18 5.40
CA ASP A 22 -4.69 -5.52 5.09
C ASP A 22 -4.08 -5.54 3.70
N HIS A 23 -4.80 -5.01 2.72
CA HIS A 23 -4.36 -5.00 1.33
C HIS A 23 -3.16 -4.09 1.20
N LEU A 24 -3.19 -2.95 1.91
CA LEU A 24 -2.10 -2.00 1.89
C LEU A 24 -0.86 -2.62 2.53
N ALA A 25 -1.04 -3.53 3.49
CA ALA A 25 0.07 -4.17 4.17
C ALA A 25 0.90 -4.99 3.18
N VAL A 26 0.27 -5.97 2.53
CA VAL A 26 0.96 -6.83 1.57
C VAL A 26 1.46 -6.00 0.39
N HIS A 27 0.68 -4.99 -0.03
CA HIS A 27 1.04 -4.14 -1.16
C HIS A 27 2.29 -3.32 -0.82
N LYS A 28 2.22 -2.51 0.25
CA LYS A 28 3.32 -1.65 0.64
C LYS A 28 4.54 -2.48 1.02
N HIS A 29 4.33 -3.66 1.63
CA HIS A 29 5.44 -4.52 2.03
C HIS A 29 6.31 -4.83 0.80
N LYS A 30 5.67 -5.14 -0.33
CA LYS A 30 6.38 -5.47 -1.56
C LYS A 30 7.26 -4.29 -2.00
N HIS A 31 6.87 -3.06 -1.64
CA HIS A 31 7.60 -1.86 -2.02
C HIS A 31 8.61 -1.46 -0.92
N GLU A 32 8.24 -1.74 0.32
CA GLU A 32 9.03 -1.37 1.49
C GLU A 32 10.23 -2.30 1.66
N MET A 33 10.06 -3.57 1.33
CA MET A 33 11.13 -4.55 1.47
C MET A 33 12.22 -4.28 0.44
N THR A 34 13.45 -4.65 0.79
CA THR A 34 14.61 -4.45 -0.09
C THR A 34 15.65 -5.54 0.22
N LEU A 35 15.30 -6.79 -0.12
CA LEU A 35 16.18 -7.93 0.13
C LEU A 35 16.44 -8.07 1.64
N LYS A 36 15.46 -7.65 2.44
CA LYS A 36 15.56 -7.71 3.89
C LYS A 36 14.16 -7.55 4.49
N PHE A 37 13.62 -8.64 5.05
CA PHE A 37 12.28 -8.61 5.66
C PHE A 37 12.28 -7.66 6.85
N GLY A 38 13.33 -7.74 7.67
CA GLY A 38 13.47 -6.89 8.84
C GLY A 38 14.94 -6.87 9.27
N MET A 1 -19.49 8.32 2.85
CA MET A 1 -20.34 8.36 1.66
C MET A 1 -19.64 9.12 0.54
N SER A 2 -19.52 10.44 0.70
CA SER A 2 -18.80 11.27 -0.27
C SER A 2 -17.34 10.83 -0.29
N ASP A 3 -16.82 10.50 0.89
CA ASP A 3 -15.46 10.01 1.06
C ASP A 3 -15.53 8.63 1.72
N ASP A 4 -14.45 7.85 1.58
CA ASP A 4 -14.38 6.52 2.16
C ASP A 4 -12.97 6.27 2.72
N LYS A 5 -12.31 7.34 3.17
CA LYS A 5 -10.96 7.27 3.73
C LYS A 5 -10.05 6.45 2.81
N PRO A 6 -9.69 7.01 1.63
CA PRO A 6 -8.85 6.33 0.67
C PRO A 6 -7.56 5.84 1.30
N PHE A 7 -7.31 4.52 1.23
CA PHE A 7 -6.10 3.93 1.77
C PHE A 7 -4.97 4.13 0.75
N LEU A 8 -4.55 5.39 0.59
CA LEU A 8 -3.50 5.74 -0.36
C LEU A 8 -2.16 5.24 0.16
N CYS A 9 -1.57 4.26 -0.54
CA CYS A 9 -0.28 3.70 -0.14
C CYS A 9 0.81 4.77 -0.22
N THR A 10 1.66 4.84 0.80
CA THR A 10 2.75 5.80 0.85
C THR A 10 3.99 5.18 0.18
N ALA A 11 4.16 5.45 -1.11
CA ALA A 11 5.30 4.95 -1.88
C ALA A 11 5.69 6.00 -2.92
N PRO A 12 6.96 6.00 -3.37
CA PRO A 12 7.45 6.97 -4.33
C PRO A 12 6.80 6.77 -5.70
N GLY A 13 7.19 5.72 -6.42
CA GLY A 13 6.68 5.46 -7.76
C GLY A 13 5.41 4.63 -7.72
N CYS A 14 4.61 4.77 -6.66
CA CYS A 14 3.36 4.03 -6.54
C CYS A 14 2.43 4.70 -5.53
N GLY A 15 1.13 4.73 -5.82
CA GLY A 15 0.14 5.33 -4.94
C GLY A 15 -1.21 4.64 -5.13
N GLN A 16 -1.23 3.32 -4.89
CA GLN A 16 -2.44 2.53 -5.06
C GLN A 16 -3.41 2.77 -3.89
N ARG A 17 -4.69 2.47 -4.13
CA ARG A 17 -5.74 2.61 -3.13
C ARG A 17 -6.38 1.25 -2.92
N PHE A 18 -6.87 1.00 -1.70
CA PHE A 18 -7.49 -0.27 -1.37
C PHE A 18 -8.66 -0.04 -0.42
N THR A 19 -9.49 -1.07 -0.26
CA THR A 19 -10.64 -1.02 0.63
C THR A 19 -10.22 -1.25 2.08
N ASN A 20 -9.11 -1.97 2.29
CA ASN A 20 -8.64 -2.30 3.63
C ASN A 20 -7.15 -2.01 3.76
N GLU A 21 -6.70 -1.73 4.99
CA GLU A 21 -5.30 -1.49 5.28
C GLU A 21 -4.52 -2.81 5.15
N ASP A 22 -5.21 -3.94 5.33
CA ASP A 22 -4.60 -5.25 5.18
C ASP A 22 -4.00 -5.36 3.77
N HIS A 23 -4.75 -4.90 2.78
CA HIS A 23 -4.31 -4.94 1.39
C HIS A 23 -3.16 -3.95 1.21
N LEU A 24 -3.18 -2.86 1.97
CA LEU A 24 -2.14 -1.86 1.92
C LEU A 24 -0.85 -2.42 2.52
N ALA A 25 -0.99 -3.28 3.54
CA ALA A 25 0.14 -3.87 4.22
C ALA A 25 0.96 -4.73 3.25
N VAL A 26 0.32 -5.72 2.61
CA VAL A 26 1.01 -6.61 1.68
C VAL A 26 1.59 -5.79 0.51
N HIS A 27 0.84 -4.77 0.06
CA HIS A 27 1.26 -3.94 -1.05
C HIS A 27 2.51 -3.14 -0.65
N LYS A 28 2.51 -2.58 0.56
CA LYS A 28 3.65 -1.82 1.05
C LYS A 28 4.85 -2.75 1.24
N HIS A 29 4.60 -3.95 1.80
CA HIS A 29 5.66 -4.92 2.03
C HIS A 29 6.45 -5.13 0.73
N LYS A 30 5.75 -5.31 -0.40
CA LYS A 30 6.38 -5.51 -1.69
C LYS A 30 7.32 -4.35 -2.00
N HIS A 31 6.88 -3.12 -1.75
CA HIS A 31 7.69 -1.93 -2.01
C HIS A 31 8.92 -1.92 -1.12
N GLU A 32 8.72 -2.05 0.19
CA GLU A 32 9.80 -2.02 1.16
C GLU A 32 10.71 -3.25 1.01
N MET A 33 10.27 -4.29 0.29
CA MET A 33 11.07 -5.49 0.10
C MET A 33 12.40 -5.14 -0.57
N THR A 34 12.35 -4.69 -1.83
CA THR A 34 13.54 -4.31 -2.60
C THR A 34 13.16 -3.98 -4.04
N LEU A 35 12.05 -4.55 -4.55
CA LEU A 35 11.61 -4.34 -5.93
C LEU A 35 12.74 -4.73 -6.88
N LYS A 36 13.41 -5.85 -6.59
CA LYS A 36 14.50 -6.33 -7.40
C LYS A 36 13.95 -7.06 -8.62
N PHE A 37 13.99 -6.39 -9.78
CA PHE A 37 13.49 -6.94 -11.05
C PHE A 37 11.96 -6.90 -11.07
N GLY A 38 11.32 -7.43 -10.02
CA GLY A 38 9.87 -7.43 -9.92
C GLY A 38 9.45 -7.89 -8.53
N MET A 1 -9.40 15.63 13.77
CA MET A 1 -9.09 16.80 12.92
C MET A 1 -8.89 16.34 11.49
N SER A 2 -7.86 15.52 11.24
CA SER A 2 -7.59 14.98 9.93
C SER A 2 -8.59 13.85 9.67
N ASP A 3 -8.29 12.66 10.24
CA ASP A 3 -9.14 11.47 10.11
C ASP A 3 -9.77 11.41 8.71
N ASP A 4 -8.92 11.53 7.68
CA ASP A 4 -9.36 11.49 6.29
C ASP A 4 -8.33 10.72 5.46
N LYS A 5 -8.48 10.77 4.12
CA LYS A 5 -7.58 10.10 3.18
C LYS A 5 -7.77 8.58 3.25
N PRO A 6 -8.22 7.93 2.15
CA PRO A 6 -8.38 6.49 2.11
C PRO A 6 -7.02 5.80 2.22
N PHE A 7 -7.00 4.47 2.12
CA PHE A 7 -5.78 3.69 2.21
C PHE A 7 -5.01 3.84 0.89
N LEU A 8 -4.40 5.00 0.69
CA LEU A 8 -3.64 5.30 -0.51
C LEU A 8 -2.15 5.15 -0.20
N CYS A 9 -1.49 4.19 -0.86
CA CYS A 9 -0.07 3.95 -0.66
C CYS A 9 0.74 5.08 -1.29
N THR A 10 0.97 6.15 -0.53
CA THR A 10 1.74 7.29 -1.03
C THR A 10 3.13 6.83 -1.45
N ALA A 11 3.44 7.02 -2.74
CA ALA A 11 4.74 6.65 -3.29
C ALA A 11 4.99 7.49 -4.56
N PRO A 12 6.25 7.52 -5.04
CA PRO A 12 6.62 8.29 -6.21
C PRO A 12 5.95 7.72 -7.47
N GLY A 13 6.48 6.60 -7.98
CA GLY A 13 5.96 5.98 -9.19
C GLY A 13 4.90 4.94 -8.85
N CYS A 14 4.12 5.18 -7.79
CA CYS A 14 3.07 4.26 -7.37
C CYS A 14 2.12 4.97 -6.41
N GLY A 15 0.82 4.71 -6.53
CA GLY A 15 -0.16 5.33 -5.66
C GLY A 15 -1.47 4.54 -5.72
N GLN A 16 -1.44 3.29 -5.26
CA GLN A 16 -2.62 2.44 -5.29
C GLN A 16 -3.49 2.73 -4.07
N ARG A 17 -4.80 2.47 -4.22
CA ARG A 17 -5.77 2.71 -3.16
C ARG A 17 -6.47 1.40 -2.84
N PHE A 18 -6.83 1.22 -1.57
CA PHE A 18 -7.51 0.02 -1.12
C PHE A 18 -8.61 0.37 -0.14
N THR A 19 -9.47 -0.61 0.16
CA THR A 19 -10.59 -0.41 1.07
C THR A 19 -10.18 -0.72 2.52
N ASN A 20 -9.11 -1.51 2.70
CA ASN A 20 -8.64 -1.88 4.03
C ASN A 20 -7.13 -1.73 4.12
N GLU A 21 -6.62 -1.73 5.35
CA GLU A 21 -5.19 -1.65 5.60
C GLU A 21 -4.53 -2.97 5.23
N ASP A 22 -5.31 -4.06 5.23
CA ASP A 22 -4.79 -5.39 4.92
C ASP A 22 -4.10 -5.40 3.57
N HIS A 23 -4.80 -4.90 2.54
CA HIS A 23 -4.29 -4.89 1.20
C HIS A 23 -3.12 -3.90 1.10
N LEU A 24 -3.20 -2.81 1.85
CA LEU A 24 -2.15 -1.80 1.85
C LEU A 24 -0.89 -2.38 2.50
N ALA A 25 -1.06 -3.28 3.47
CA ALA A 25 0.05 -3.90 4.18
C ALA A 25 0.89 -4.75 3.22
N VAL A 26 0.27 -5.75 2.59
CA VAL A 26 0.97 -6.63 1.66
C VAL A 26 1.56 -5.82 0.50
N HIS A 27 0.82 -4.81 0.05
CA HIS A 27 1.27 -3.94 -1.03
C HIS A 27 2.51 -3.17 -0.61
N LYS A 28 2.46 -2.58 0.60
CA LYS A 28 3.56 -1.81 1.13
C LYS A 28 4.78 -2.71 1.36
N HIS A 29 4.53 -3.94 1.82
CA HIS A 29 5.60 -4.90 2.08
C HIS A 29 6.43 -5.09 0.80
N LYS A 30 5.77 -5.14 -0.36
CA LYS A 30 6.46 -5.32 -1.64
C LYS A 30 7.40 -4.14 -1.90
N HIS A 31 6.98 -2.92 -1.57
CA HIS A 31 7.82 -1.73 -1.78
C HIS A 31 9.03 -1.80 -0.85
N GLU A 32 8.82 -2.20 0.40
CA GLU A 32 9.89 -2.30 1.38
C GLU A 32 10.84 -3.44 1.00
N MET A 33 10.28 -4.55 0.51
CA MET A 33 11.06 -5.72 0.11
C MET A 33 12.13 -5.32 -0.91
N THR A 34 13.39 -5.64 -0.63
CA THR A 34 14.51 -5.30 -1.51
C THR A 34 14.49 -6.20 -2.75
N LEU A 35 14.09 -7.47 -2.57
CA LEU A 35 14.02 -8.43 -3.64
C LEU A 35 12.73 -8.19 -4.41
N LYS A 36 12.71 -7.09 -5.16
CA LYS A 36 11.56 -6.69 -5.94
C LYS A 36 11.07 -7.84 -6.81
N PHE A 37 12.00 -8.57 -7.41
CA PHE A 37 11.67 -9.71 -8.26
C PHE A 37 11.34 -10.92 -7.37
N GLY A 38 10.26 -10.80 -6.60
CA GLY A 38 9.82 -11.86 -5.71
C GLY A 38 8.55 -11.43 -4.99
N MET A 1 -18.67 4.66 -5.02
CA MET A 1 -18.23 5.42 -3.84
C MET A 1 -17.55 4.47 -2.85
N SER A 2 -16.89 5.04 -1.84
CA SER A 2 -16.20 4.26 -0.82
C SER A 2 -15.93 5.15 0.40
N ASP A 3 -14.95 4.76 1.23
CA ASP A 3 -14.59 5.51 2.43
C ASP A 3 -14.22 6.94 2.06
N ASP A 4 -14.44 7.88 2.99
CA ASP A 4 -14.11 9.28 2.79
C ASP A 4 -12.60 9.43 2.65
N LYS A 5 -11.85 8.65 3.45
CA LYS A 5 -10.40 8.66 3.43
C LYS A 5 -9.90 7.22 3.30
N PRO A 6 -9.86 6.69 2.06
CA PRO A 6 -9.44 5.34 1.79
C PRO A 6 -7.94 5.15 2.10
N PHE A 7 -7.47 3.90 1.97
CA PHE A 7 -6.08 3.57 2.25
C PHE A 7 -5.25 3.76 0.97
N LEU A 8 -4.70 4.96 0.78
CA LEU A 8 -3.91 5.28 -0.39
C LEU A 8 -2.41 5.18 -0.05
N CYS A 9 -1.69 4.27 -0.70
CA CYS A 9 -0.27 4.10 -0.48
C CYS A 9 0.49 5.25 -1.13
N THR A 10 0.69 6.35 -0.38
CA THR A 10 1.43 7.48 -0.90
C THR A 10 2.85 7.06 -1.23
N ALA A 11 3.31 7.38 -2.44
CA ALA A 11 4.64 7.03 -2.89
C ALA A 11 4.98 7.86 -4.13
N PRO A 12 6.28 7.92 -4.51
CA PRO A 12 6.72 8.69 -5.66
C PRO A 12 6.18 8.07 -6.95
N GLY A 13 6.67 6.88 -7.30
CA GLY A 13 6.28 6.20 -8.53
C GLY A 13 5.14 5.21 -8.27
N CYS A 14 4.31 5.45 -7.25
CA CYS A 14 3.19 4.57 -6.96
C CYS A 14 2.17 5.31 -6.09
N GLY A 15 0.87 5.04 -6.34
CA GLY A 15 -0.20 5.64 -5.59
C GLY A 15 -1.44 4.75 -5.63
N GLN A 16 -1.26 3.45 -5.32
CA GLN A 16 -2.36 2.51 -5.36
C GLN A 16 -3.22 2.68 -4.10
N ARG A 17 -4.54 2.49 -4.24
CA ARG A 17 -5.47 2.66 -3.15
C ARG A 17 -6.26 1.38 -2.93
N PHE A 18 -6.61 1.12 -1.67
CA PHE A 18 -7.36 -0.06 -1.30
C PHE A 18 -8.44 0.31 -0.29
N THR A 19 -9.42 -0.58 -0.12
CA THR A 19 -10.53 -0.35 0.81
C THR A 19 -10.19 -0.94 2.19
N ASN A 20 -8.97 -1.48 2.35
CA ASN A 20 -8.55 -2.09 3.61
C ASN A 20 -7.07 -1.82 3.84
N GLU A 21 -6.67 -1.77 5.12
CA GLU A 21 -5.28 -1.56 5.49
C GLU A 21 -4.49 -2.85 5.23
N ASP A 22 -5.17 -4.01 5.28
CA ASP A 22 -4.54 -5.30 5.03
C ASP A 22 -3.91 -5.31 3.64
N HIS A 23 -4.67 -4.86 2.64
CA HIS A 23 -4.20 -4.83 1.27
C HIS A 23 -3.06 -3.81 1.15
N LEU A 24 -3.14 -2.74 1.94
CA LEU A 24 -2.10 -1.72 1.94
C LEU A 24 -0.82 -2.30 2.55
N ALA A 25 -0.97 -3.18 3.54
CA ALA A 25 0.15 -3.79 4.22
C ALA A 25 0.99 -4.63 3.25
N VAL A 26 0.36 -5.62 2.60
CA VAL A 26 1.06 -6.49 1.65
C VAL A 26 1.65 -5.65 0.51
N HIS A 27 0.89 -4.65 0.05
CA HIS A 27 1.34 -3.76 -1.01
C HIS A 27 2.59 -3.00 -0.56
N LYS A 28 2.56 -2.48 0.67
CA LYS A 28 3.69 -1.76 1.22
C LYS A 28 4.88 -2.70 1.41
N HIS A 29 4.62 -3.94 1.83
CA HIS A 29 5.66 -4.93 2.02
C HIS A 29 6.35 -5.18 0.68
N LYS A 30 5.58 -5.19 -0.42
CA LYS A 30 6.14 -5.40 -1.74
C LYS A 30 7.11 -4.27 -2.08
N HIS A 31 6.82 -3.05 -1.63
CA HIS A 31 7.70 -1.92 -1.84
C HIS A 31 8.97 -2.13 -1.02
N GLU A 32 8.82 -2.23 0.30
CA GLU A 32 9.95 -2.47 1.20
C GLU A 32 10.24 -3.97 1.26
N MET A 33 10.35 -4.61 0.08
CA MET A 33 10.63 -6.03 -0.01
C MET A 33 12.09 -6.31 0.39
N THR A 34 12.98 -5.35 0.07
CA THR A 34 14.40 -5.44 0.40
C THR A 34 15.10 -6.42 -0.55
N LEU A 35 14.52 -7.61 -0.75
CA LEU A 35 15.11 -8.63 -1.59
C LEU A 35 14.04 -9.61 -2.12
N LYS A 36 12.86 -9.64 -1.48
CA LYS A 36 11.79 -10.53 -1.89
C LYS A 36 11.14 -10.02 -3.18
N PHE A 37 11.84 -10.20 -4.31
CA PHE A 37 11.36 -9.77 -5.62
C PHE A 37 10.04 -10.47 -5.92
N GLY A 38 10.03 -11.80 -5.78
CA GLY A 38 8.84 -12.61 -6.01
C GLY A 38 8.45 -13.33 -4.73
N MET A 1 -18.90 -3.06 11.29
CA MET A 1 -18.35 -1.79 11.81
C MET A 1 -16.84 -1.88 11.87
N SER A 2 -16.15 -0.99 11.17
CA SER A 2 -14.70 -0.98 11.12
C SER A 2 -14.23 0.32 10.45
N ASP A 3 -12.91 0.49 10.31
CA ASP A 3 -12.35 1.66 9.66
C ASP A 3 -12.44 1.51 8.14
N ASP A 4 -13.67 1.50 7.62
CA ASP A 4 -13.91 1.33 6.19
C ASP A 4 -13.64 2.66 5.48
N LYS A 5 -12.36 3.07 5.45
CA LYS A 5 -11.94 4.31 4.80
C LYS A 5 -10.92 3.97 3.72
N PRO A 6 -10.62 4.91 2.79
CA PRO A 6 -9.64 4.69 1.76
C PRO A 6 -8.22 4.72 2.32
N PHE A 7 -7.34 3.86 1.81
CA PHE A 7 -5.94 3.79 2.22
C PHE A 7 -5.07 3.97 0.98
N LEU A 8 -4.49 5.16 0.81
CA LEU A 8 -3.65 5.46 -0.35
C LEU A 8 -2.18 5.19 -0.03
N CYS A 9 -1.57 4.25 -0.76
CA CYS A 9 -0.16 3.94 -0.59
C CYS A 9 0.66 5.01 -1.31
N THR A 10 1.04 6.07 -0.60
CA THR A 10 1.81 7.17 -1.17
C THR A 10 3.02 6.63 -1.94
N ALA A 11 2.99 6.75 -3.28
CA ALA A 11 4.07 6.30 -4.13
C ALA A 11 3.92 6.99 -5.49
N PRO A 12 5.05 7.25 -6.19
CA PRO A 12 5.06 7.94 -7.46
C PRO A 12 4.43 7.10 -8.57
N GLY A 13 5.21 6.16 -9.13
CA GLY A 13 4.75 5.33 -10.24
C GLY A 13 3.88 4.17 -9.74
N CYS A 14 3.04 4.41 -8.73
CA CYS A 14 2.13 3.40 -8.23
C CYS A 14 0.89 4.05 -7.64
N GLY A 15 1.02 4.67 -6.46
CA GLY A 15 -0.08 5.35 -5.78
C GLY A 15 -1.37 4.52 -5.80
N GLN A 16 -1.29 3.24 -5.43
CA GLN A 16 -2.47 2.38 -5.39
C GLN A 16 -3.23 2.61 -4.09
N ARG A 17 -4.56 2.46 -4.15
CA ARG A 17 -5.43 2.68 -3.01
C ARG A 17 -6.28 1.44 -2.77
N PHE A 18 -6.58 1.17 -1.50
CA PHE A 18 -7.39 0.02 -1.12
C PHE A 18 -8.34 0.43 -0.01
N THR A 19 -9.44 -0.32 0.15
CA THR A 19 -10.44 -0.04 1.17
C THR A 19 -10.02 -0.64 2.51
N ASN A 20 -9.02 -1.56 2.48
CA ASN A 20 -8.54 -2.23 3.68
C ASN A 20 -7.06 -1.98 3.85
N GLU A 21 -6.62 -1.74 5.09
CA GLU A 21 -5.21 -1.57 5.39
C GLU A 21 -4.48 -2.89 5.17
N ASP A 22 -5.22 -4.01 5.25
CA ASP A 22 -4.67 -5.33 5.02
C ASP A 22 -4.02 -5.38 3.64
N HIS A 23 -4.74 -4.90 2.63
CA HIS A 23 -4.24 -4.89 1.26
C HIS A 23 -3.08 -3.91 1.15
N LEU A 24 -3.15 -2.80 1.89
CA LEU A 24 -2.09 -1.80 1.88
C LEU A 24 -0.84 -2.39 2.51
N ALA A 25 -0.99 -3.29 3.49
CA ALA A 25 0.12 -3.91 4.18
C ALA A 25 0.94 -4.77 3.22
N VAL A 26 0.30 -5.75 2.58
CA VAL A 26 0.99 -6.63 1.64
C VAL A 26 1.57 -5.80 0.49
N HIS A 27 0.82 -4.79 0.05
CA HIS A 27 1.25 -3.92 -1.04
C HIS A 27 2.46 -3.09 -0.59
N LYS A 28 2.46 -2.65 0.66
CA LYS A 28 3.56 -1.87 1.21
C LYS A 28 4.81 -2.73 1.26
N HIS A 29 4.70 -3.92 1.85
CA HIS A 29 5.84 -4.83 1.98
C HIS A 29 6.49 -5.07 0.63
N LYS A 30 5.68 -5.16 -0.44
CA LYS A 30 6.19 -5.37 -1.78
C LYS A 30 7.19 -4.25 -2.14
N HIS A 31 6.89 -3.01 -1.73
CA HIS A 31 7.77 -1.88 -1.97
C HIS A 31 8.91 -1.92 -0.95
N GLU A 32 8.55 -1.97 0.33
CA GLU A 32 9.50 -2.00 1.43
C GLU A 32 9.99 -3.43 1.64
N MET A 33 10.49 -4.06 0.56
CA MET A 33 10.97 -5.42 0.62
C MET A 33 12.36 -5.44 1.25
N THR A 34 12.40 -5.39 2.59
CA THR A 34 13.66 -5.42 3.33
C THR A 34 14.22 -6.86 3.36
N LEU A 35 14.59 -7.36 2.19
CA LEU A 35 15.13 -8.70 2.05
C LEU A 35 15.95 -8.77 0.77
N LYS A 36 15.33 -8.44 -0.37
CA LYS A 36 16.01 -8.44 -1.65
C LYS A 36 16.76 -7.13 -1.82
N PHE A 37 18.06 -7.14 -1.51
CA PHE A 37 18.91 -5.97 -1.62
C PHE A 37 19.75 -6.08 -2.89
N GLY A 38 19.08 -6.42 -4.00
CA GLY A 38 19.75 -6.58 -5.29
C GLY A 38 19.04 -7.67 -6.09
N MET A 1 -14.06 7.83 -0.49
CA MET A 1 -15.32 7.96 -1.24
C MET A 1 -16.41 7.22 -0.47
N SER A 2 -16.86 6.06 -0.99
CA SER A 2 -17.82 5.24 -0.29
C SER A 2 -17.16 4.76 1.01
N ASP A 3 -15.83 4.56 0.95
CA ASP A 3 -15.04 4.17 2.08
C ASP A 3 -14.73 5.40 2.93
N ASP A 4 -14.65 5.22 4.26
CA ASP A 4 -14.38 6.31 5.17
C ASP A 4 -12.93 6.78 5.02
N LYS A 5 -11.98 5.96 5.45
CA LYS A 5 -10.57 6.29 5.41
C LYS A 5 -9.97 5.84 4.05
N PRO A 6 -9.46 6.80 3.24
CA PRO A 6 -8.85 6.47 1.96
C PRO A 6 -7.53 5.74 2.19
N PHE A 7 -7.45 4.47 1.79
CA PHE A 7 -6.23 3.68 1.96
C PHE A 7 -5.29 3.93 0.78
N LEU A 8 -4.79 5.16 0.67
CA LEU A 8 -3.84 5.53 -0.38
C LEU A 8 -2.43 5.20 0.10
N CYS A 9 -1.75 4.28 -0.60
CA CYS A 9 -0.41 3.86 -0.21
C CYS A 9 0.53 5.07 -0.14
N THR A 10 0.40 5.98 -1.11
CA THR A 10 1.22 7.19 -1.14
C THR A 10 2.71 6.83 -1.06
N ALA A 11 3.19 6.02 -2.01
CA ALA A 11 4.60 5.63 -2.07
C ALA A 11 5.34 6.63 -2.95
N PRO A 12 6.68 6.52 -3.05
CA PRO A 12 7.48 7.44 -3.84
C PRO A 12 7.03 7.43 -5.31
N GLY A 13 7.05 6.24 -5.94
CA GLY A 13 6.64 6.10 -7.33
C GLY A 13 5.25 5.48 -7.43
N CYS A 14 4.92 4.58 -6.49
CA CYS A 14 3.63 3.89 -6.49
C CYS A 14 2.62 4.66 -5.64
N GLY A 15 1.34 4.61 -6.01
CA GLY A 15 0.30 5.31 -5.27
C GLY A 15 -1.04 4.62 -5.49
N GLN A 16 -1.11 3.32 -5.18
CA GLN A 16 -2.34 2.56 -5.35
C GLN A 16 -3.30 2.84 -4.21
N ARG A 17 -4.58 2.50 -4.42
CA ARG A 17 -5.64 2.72 -3.45
C ARG A 17 -6.32 1.39 -3.15
N PHE A 18 -6.75 1.21 -1.89
CA PHE A 18 -7.40 -0.01 -1.45
C PHE A 18 -8.58 0.33 -0.55
N THR A 19 -9.23 -0.70 0.00
CA THR A 19 -10.39 -0.52 0.87
C THR A 19 -10.08 -1.04 2.28
N ASN A 20 -8.87 -1.59 2.49
CA ASN A 20 -8.47 -2.12 3.79
C ASN A 20 -6.98 -1.89 4.01
N GLU A 21 -6.59 -1.74 5.28
CA GLU A 21 -5.18 -1.55 5.64
C GLU A 21 -4.41 -2.84 5.35
N ASP A 22 -5.10 -3.98 5.42
CA ASP A 22 -4.50 -5.28 5.17
C ASP A 22 -3.92 -5.32 3.76
N HIS A 23 -4.70 -4.86 2.79
CA HIS A 23 -4.28 -4.87 1.41
C HIS A 23 -3.14 -3.88 1.21
N LEU A 24 -3.16 -2.80 2.00
CA LEU A 24 -2.13 -1.79 1.95
C LEU A 24 -0.83 -2.34 2.56
N ALA A 25 -0.97 -3.25 3.53
CA ALA A 25 0.17 -3.85 4.21
C ALA A 25 0.97 -4.73 3.24
N VAL A 26 0.31 -5.73 2.64
CA VAL A 26 0.98 -6.63 1.71
C VAL A 26 1.53 -5.83 0.51
N HIS A 27 0.83 -4.76 0.13
CA HIS A 27 1.25 -3.92 -0.96
C HIS A 27 2.52 -3.16 -0.57
N LYS A 28 2.51 -2.55 0.63
CA LYS A 28 3.67 -1.84 1.16
C LYS A 28 4.86 -2.79 1.26
N HIS A 29 4.62 -4.00 1.77
CA HIS A 29 5.67 -4.99 1.94
C HIS A 29 6.45 -5.20 0.65
N LYS A 30 5.74 -5.34 -0.48
CA LYS A 30 6.40 -5.57 -1.77
C LYS A 30 7.30 -4.37 -2.13
N HIS A 31 6.95 -3.16 -1.67
CA HIS A 31 7.75 -1.98 -1.95
C HIS A 31 8.99 -1.97 -1.05
N GLU A 32 8.77 -2.20 0.25
CA GLU A 32 9.84 -2.20 1.23
C GLU A 32 10.80 -3.38 1.01
N MET A 33 10.28 -4.48 0.45
CA MET A 33 11.09 -5.67 0.19
C MET A 33 12.15 -5.36 -0.86
N THR A 34 13.38 -5.12 -0.41
CA THR A 34 14.49 -4.81 -1.30
C THR A 34 14.90 -6.04 -2.12
N LEU A 35 14.48 -7.24 -1.67
CA LEU A 35 14.81 -8.48 -2.36
C LEU A 35 13.84 -8.69 -3.51
N LYS A 36 13.76 -7.71 -4.41
CA LYS A 36 12.89 -7.76 -5.56
C LYS A 36 13.45 -8.72 -6.60
N PHE A 37 14.77 -8.63 -6.83
CA PHE A 37 15.45 -9.48 -7.79
C PHE A 37 16.94 -9.53 -7.44
N GLY A 38 17.56 -8.35 -7.33
CA GLY A 38 18.97 -8.25 -7.00
C GLY A 38 19.37 -6.78 -6.88
N MET A 1 -4.35 10.95 3.01
CA MET A 1 -5.24 11.92 3.68
C MET A 1 -6.61 11.30 3.88
N SER A 2 -7.15 11.38 5.10
CA SER A 2 -8.45 10.81 5.43
C SER A 2 -8.50 9.35 4.98
N ASP A 3 -7.48 8.58 5.38
CA ASP A 3 -7.36 7.18 5.01
C ASP A 3 -8.24 6.31 5.92
N ASP A 4 -9.49 6.72 6.13
CA ASP A 4 -10.43 5.98 6.94
C ASP A 4 -10.78 4.69 6.21
N LYS A 5 -11.34 4.84 4.99
CA LYS A 5 -11.66 3.71 4.14
C LYS A 5 -10.74 3.68 2.90
N PRO A 6 -10.45 4.84 2.24
CA PRO A 6 -9.59 4.88 1.09
C PRO A 6 -8.13 4.94 1.52
N PHE A 7 -7.50 3.78 1.70
CA PHE A 7 -6.10 3.71 2.12
C PHE A 7 -5.19 3.99 0.93
N LEU A 8 -4.63 5.20 0.88
CA LEU A 8 -3.75 5.63 -0.21
C LEU A 8 -2.29 5.32 0.15
N CYS A 9 -1.67 4.40 -0.58
CA CYS A 9 -0.28 4.05 -0.36
C CYS A 9 0.62 5.22 -0.72
N THR A 10 1.54 5.57 0.17
CA THR A 10 2.47 6.67 -0.06
C THR A 10 3.60 6.21 -0.98
N ALA A 11 3.32 6.11 -2.29
CA ALA A 11 4.31 5.71 -3.27
C ALA A 11 4.19 6.63 -4.48
N PRO A 12 5.33 7.08 -5.06
CA PRO A 12 5.34 8.02 -6.17
C PRO A 12 4.79 7.38 -7.44
N GLY A 13 5.61 6.55 -8.10
CA GLY A 13 5.25 5.93 -9.37
C GLY A 13 4.33 4.73 -9.17
N CYS A 14 3.48 4.75 -8.14
CA CYS A 14 2.54 3.66 -7.93
C CYS A 14 1.28 4.18 -7.22
N GLY A 15 1.46 4.65 -5.97
CA GLY A 15 0.37 5.20 -5.16
C GLY A 15 -0.95 4.49 -5.38
N GLN A 16 -1.02 3.18 -5.10
CA GLN A 16 -2.25 2.42 -5.26
C GLN A 16 -3.16 2.68 -4.05
N ARG A 17 -4.46 2.41 -4.24
CA ARG A 17 -5.45 2.60 -3.20
C ARG A 17 -6.19 1.30 -2.95
N PHE A 18 -6.59 1.08 -1.70
CA PHE A 18 -7.34 -0.11 -1.32
C PHE A 18 -8.42 0.27 -0.32
N THR A 19 -9.41 -0.61 -0.15
CA THR A 19 -10.49 -0.38 0.79
C THR A 19 -10.18 -1.05 2.13
N ASN A 20 -8.96 -1.60 2.28
CA ASN A 20 -8.54 -2.28 3.49
C ASN A 20 -7.06 -2.04 3.72
N GLU A 21 -6.68 -1.77 4.98
CA GLU A 21 -5.29 -1.57 5.34
C GLU A 21 -4.54 -2.89 5.16
N ASP A 22 -5.26 -4.01 5.20
CA ASP A 22 -4.69 -5.33 5.01
C ASP A 22 -3.98 -5.40 3.66
N HIS A 23 -4.68 -4.96 2.60
CA HIS A 23 -4.14 -4.96 1.27
C HIS A 23 -3.00 -3.96 1.17
N LEU A 24 -3.15 -2.82 1.84
CA LEU A 24 -2.13 -1.79 1.85
C LEU A 24 -0.86 -2.33 2.50
N ALA A 25 -1.01 -3.18 3.52
CA ALA A 25 0.12 -3.76 4.24
C ALA A 25 0.98 -4.60 3.31
N VAL A 26 0.39 -5.64 2.71
CA VAL A 26 1.13 -6.52 1.80
C VAL A 26 1.69 -5.71 0.63
N HIS A 27 0.92 -4.72 0.17
CA HIS A 27 1.34 -3.86 -0.94
C HIS A 27 2.56 -3.04 -0.52
N LYS A 28 2.55 -2.50 0.70
CA LYS A 28 3.64 -1.71 1.21
C LYS A 28 4.87 -2.60 1.40
N HIS A 29 4.66 -3.82 1.89
CA HIS A 29 5.75 -4.77 2.09
C HIS A 29 6.37 -5.11 0.74
N LYS A 30 5.56 -5.22 -0.31
CA LYS A 30 6.05 -5.53 -1.64
C LYS A 30 6.97 -4.42 -2.12
N HIS A 31 6.68 -3.17 -1.75
CA HIS A 31 7.53 -2.04 -2.10
C HIS A 31 8.83 -2.14 -1.31
N GLU A 32 8.72 -2.10 0.03
CA GLU A 32 9.87 -2.19 0.90
C GLU A 32 10.15 -3.65 1.21
N MET A 33 10.30 -4.46 0.16
CA MET A 33 10.58 -5.88 0.29
C MET A 33 12.02 -6.07 0.76
N THR A 34 12.25 -5.90 2.08
CA THR A 34 13.57 -6.03 2.68
C THR A 34 14.25 -7.34 2.28
N LEU A 35 13.44 -8.39 2.01
CA LEU A 35 13.96 -9.69 1.60
C LEU A 35 14.88 -9.51 0.38
N LYS A 36 14.41 -8.73 -0.60
CA LYS A 36 15.17 -8.46 -1.81
C LYS A 36 14.94 -7.01 -2.24
N PHE A 37 15.62 -6.07 -1.56
CA PHE A 37 15.50 -4.65 -1.85
C PHE A 37 16.80 -4.16 -2.49
N GLY A 38 16.96 -4.42 -3.79
CA GLY A 38 18.16 -4.02 -4.52
C GLY A 38 19.17 -5.17 -4.53
N MET A 1 -9.04 6.01 6.29
CA MET A 1 -9.69 6.57 7.49
C MET A 1 -11.20 6.35 7.41
N SER A 2 -11.97 7.09 8.22
CA SER A 2 -13.42 6.95 8.23
C SER A 2 -14.00 7.52 6.95
N ASP A 3 -14.30 6.62 5.99
CA ASP A 3 -14.89 6.98 4.70
C ASP A 3 -13.91 7.82 3.88
N ASP A 4 -13.76 9.11 4.23
CA ASP A 4 -12.86 10.00 3.54
C ASP A 4 -11.42 9.57 3.80
N LYS A 5 -10.48 10.11 3.01
CA LYS A 5 -9.06 9.77 3.12
C LYS A 5 -8.90 8.24 3.08
N PRO A 6 -9.07 7.62 1.89
CA PRO A 6 -8.96 6.19 1.72
C PRO A 6 -7.53 5.72 2.01
N PHE A 7 -7.31 4.40 1.95
CA PHE A 7 -5.99 3.83 2.22
C PHE A 7 -5.11 3.99 0.98
N LEU A 8 -4.53 5.18 0.83
CA LEU A 8 -3.66 5.48 -0.30
C LEU A 8 -2.22 5.09 0.06
N CYS A 9 -1.63 4.16 -0.71
CA CYS A 9 -0.28 3.70 -0.46
C CYS A 9 0.73 4.83 -0.69
N THR A 10 1.36 5.29 0.39
CA THR A 10 2.36 6.34 0.32
C THR A 10 3.70 5.73 -0.13
N ALA A 11 3.84 5.47 -1.44
CA ALA A 11 5.05 4.89 -2.00
C ALA A 11 5.60 5.81 -3.10
N PRO A 12 6.90 5.75 -3.39
CA PRO A 12 7.53 6.57 -4.41
C PRO A 12 6.97 6.19 -5.78
N GLY A 13 6.23 7.11 -6.40
CA GLY A 13 5.64 6.88 -7.72
C GLY A 13 4.38 6.02 -7.62
N CYS A 14 4.47 4.89 -6.90
CA CYS A 14 3.34 3.98 -6.75
C CYS A 14 2.36 4.56 -5.73
N GLY A 15 1.07 4.52 -6.05
CA GLY A 15 0.06 5.05 -5.16
C GLY A 15 -1.27 4.33 -5.35
N GLN A 16 -1.27 3.00 -5.17
CA GLN A 16 -2.49 2.23 -5.29
C GLN A 16 -3.36 2.49 -4.05
N ARG A 17 -4.68 2.38 -4.22
CA ARG A 17 -5.64 2.64 -3.15
C ARG A 17 -6.44 1.38 -2.88
N PHE A 18 -6.83 1.21 -1.62
CA PHE A 18 -7.61 0.05 -1.20
C PHE A 18 -8.66 0.49 -0.18
N THR A 19 -9.59 -0.41 0.15
CA THR A 19 -10.65 -0.13 1.11
C THR A 19 -10.29 -0.72 2.49
N ASN A 20 -9.01 -1.08 2.67
CA ASN A 20 -8.55 -1.67 3.91
C ASN A 20 -7.02 -1.59 3.98
N GLU A 21 -6.49 -1.51 5.20
CA GLU A 21 -5.05 -1.44 5.42
C GLU A 21 -4.41 -2.82 5.17
N ASP A 22 -5.22 -3.88 5.16
CA ASP A 22 -4.73 -5.24 4.93
C ASP A 22 -4.01 -5.31 3.58
N HIS A 23 -4.71 -4.95 2.51
CA HIS A 23 -4.13 -4.99 1.17
C HIS A 23 -3.00 -3.97 1.08
N LEU A 24 -3.14 -2.85 1.80
CA LEU A 24 -2.12 -1.82 1.82
C LEU A 24 -0.84 -2.36 2.46
N ALA A 25 -0.99 -3.26 3.44
CA ALA A 25 0.15 -3.83 4.15
C ALA A 25 0.98 -4.69 3.21
N VAL A 26 0.37 -5.71 2.60
CA VAL A 26 1.09 -6.60 1.70
C VAL A 26 1.66 -5.80 0.52
N HIS A 27 0.90 -4.82 0.03
CA HIS A 27 1.33 -3.97 -1.07
C HIS A 27 2.53 -3.13 -0.63
N LYS A 28 2.47 -2.56 0.57
CA LYS A 28 3.57 -1.77 1.11
C LYS A 28 4.81 -2.64 1.27
N HIS A 29 4.63 -3.88 1.75
CA HIS A 29 5.73 -4.80 1.96
C HIS A 29 6.47 -5.04 0.64
N LYS A 30 5.72 -5.20 -0.46
CA LYS A 30 6.33 -5.43 -1.77
C LYS A 30 7.26 -4.26 -2.14
N HIS A 31 6.95 -3.06 -1.66
CA HIS A 31 7.80 -1.89 -1.90
C HIS A 31 8.97 -1.95 -0.93
N GLU A 32 8.67 -2.01 0.37
CA GLU A 32 9.68 -2.09 1.41
C GLU A 32 10.04 -3.56 1.64
N MET A 33 10.43 -4.25 0.56
CA MET A 33 10.78 -5.65 0.63
C MET A 33 12.21 -5.80 1.14
N THR A 34 12.46 -6.85 1.93
CA THR A 34 13.79 -7.11 2.48
C THR A 34 14.67 -7.81 1.44
N LEU A 35 14.73 -7.23 0.22
CA LEU A 35 15.52 -7.79 -0.88
C LEU A 35 15.16 -9.26 -1.11
N LYS A 36 13.89 -9.62 -0.88
CA LYS A 36 13.42 -10.99 -1.06
C LYS A 36 12.81 -11.15 -2.45
N PHE A 37 12.10 -10.12 -2.93
CA PHE A 37 11.46 -10.13 -4.24
C PHE A 37 10.40 -11.24 -4.28
N GLY A 38 9.17 -10.92 -3.88
CA GLY A 38 8.07 -11.88 -3.87
C GLY A 38 6.76 -11.17 -3.59
#